data_2J0X
#
_entry.id   2J0X
#
_cell.length_a   171.750
_cell.length_b   148.020
_cell.length_c   42.890
_cell.angle_alpha   90.00
_cell.angle_beta   90.00
_cell.angle_gamma   90.00
#
_symmetry.space_group_name_H-M   'P 21 21 2'
#
loop_
_entity.id
_entity.type
_entity.pdbx_description
1 polymer 'LYSINE-SENSITIVE ASPARTOKINASE 3'
2 non-polymer 'ASPARTIC ACID'
3 non-polymer LYSINE
4 non-polymer 'PHOSPHATE ION'
5 water water
#
_entity_poly.entity_id   1
_entity_poly.type   'polypeptide(L)'
_entity_poly.pdbx_seq_one_letter_code
;MSEIVVSKFGGTSVADFDAMNRSADIVLSDANVRLVVLSASAGITNLLVALAEGLEPGERFEKLDAIRNIQFAILERLRY
PNVIREEIERLLENITVLAEAAALATSPALTDELVSHGELMSTLLFVEILRERDVQAQWFDVRKVMRTNDRFGRAEPDIA
ALAELAALQLLPRLNEGLVITQGFIGSENKGRTTTLGRGGSDYTAALLAEALHASRVDIWTDVPGIYTTDPRVVSAAKRI
DEIAFAEAAEMATFGAKVLHPATLLPAVRSDIPVFVGSSKDPRAGGTLVCNKTENPPLFRALALRRNQTLLTLHSLNMLH
SRGFLAEVFGILARHNISVDLITTSEVSVALTLDTTGSTSTGDTLLTQSLLMELSALCRVEVEEGLALVALIGNDLSKAC
GVGKEVFGVLEPFNIRMICYGASSHNLCFLVPGEDAEQVVQKLHSNLFE
;
_entity_poly.pdbx_strand_id   A,B
#
# COMPACT_ATOMS: atom_id res chain seq x y z
N GLU A 3 27.70 12.82 -34.96
CA GLU A 3 27.14 14.13 -34.53
C GLU A 3 25.69 14.24 -34.98
N ILE A 4 24.87 13.30 -34.52
CA ILE A 4 23.46 13.29 -34.88
C ILE A 4 22.62 13.68 -33.67
N VAL A 5 21.68 14.58 -33.90
CA VAL A 5 20.79 14.98 -32.83
C VAL A 5 19.38 14.56 -33.22
N VAL A 6 18.65 14.01 -32.26
CA VAL A 6 17.28 13.59 -32.54
C VAL A 6 16.31 14.57 -31.87
N SER A 7 15.31 15.02 -32.62
CA SER A 7 14.31 15.95 -32.09
C SER A 7 12.93 15.31 -32.20
N LYS A 8 12.13 15.47 -31.14
CA LYS A 8 10.78 14.92 -31.11
C LYS A 8 9.75 16.00 -30.81
N PHE A 9 8.63 15.95 -31.51
CA PHE A 9 7.55 16.91 -31.32
C PHE A 9 6.23 16.21 -31.06
N GLY A 10 5.51 16.68 -30.06
CA GLY A 10 4.24 16.08 -29.71
C GLY A 10 3.09 16.66 -30.52
N GLY A 11 1.92 16.04 -30.37
CA GLY A 11 0.72 16.45 -31.09
C GLY A 11 0.47 17.94 -31.30
N THR A 12 0.68 18.76 -30.28
CA THR A 12 0.44 20.20 -30.44
C THR A 12 1.44 20.84 -31.41
N SER A 13 2.70 20.39 -31.35
CA SER A 13 3.75 20.91 -32.21
C SER A 13 3.42 20.66 -33.68
N VAL A 14 2.57 19.67 -33.94
CA VAL A 14 2.17 19.33 -35.30
C VAL A 14 0.66 19.30 -35.43
N ALA A 15 0.00 20.02 -34.53
CA ALA A 15 -1.47 20.07 -34.52
C ALA A 15 -2.10 20.55 -35.83
N ASP A 16 -1.42 21.47 -36.51
CA ASP A 16 -1.89 22.02 -37.78
C ASP A 16 -0.72 22.61 -38.57
N PHE A 17 -1.05 23.26 -39.68
CA PHE A 17 -0.06 23.89 -40.57
C PHE A 17 0.86 24.88 -39.86
N ASP A 18 0.28 25.93 -39.30
CA ASP A 18 1.04 26.96 -38.61
C ASP A 18 2.01 26.35 -37.62
N ALA A 19 1.48 25.46 -36.77
CA ALA A 19 2.28 24.78 -35.78
C ALA A 19 3.46 24.02 -36.39
N MET A 20 3.20 23.21 -37.41
CA MET A 20 4.27 22.46 -38.07
C MET A 20 5.39 23.37 -38.54
N ASN A 21 5.06 24.54 -39.08
CA ASN A 21 6.08 25.46 -39.55
C ASN A 21 6.92 25.86 -38.35
N ARG A 22 6.22 26.27 -37.30
CA ARG A 22 6.84 26.69 -36.06
C ARG A 22 7.86 25.64 -35.61
N SER A 23 7.49 24.37 -35.75
CA SER A 23 8.35 23.27 -35.36
C SER A 23 9.51 23.17 -36.32
N ALA A 24 9.24 23.38 -37.60
CA ALA A 24 10.30 23.34 -38.62
C ALA A 24 11.32 24.40 -38.24
N ASP A 25 10.82 25.57 -37.88
CA ASP A 25 11.66 26.69 -37.47
C ASP A 25 12.70 26.20 -36.47
N ILE A 26 12.23 25.43 -35.51
CA ILE A 26 13.06 24.88 -34.44
C ILE A 26 14.06 23.83 -34.95
N VAL A 27 13.63 23.03 -35.91
CA VAL A 27 14.48 21.99 -36.47
C VAL A 27 15.63 22.68 -37.20
N LEU A 28 15.26 23.51 -38.17
CA LEU A 28 16.22 24.24 -38.99
C LEU A 28 17.14 25.04 -38.08
N SER A 29 16.62 25.43 -36.93
CA SER A 29 17.39 26.20 -35.97
C SER A 29 18.75 25.55 -35.68
N ASP A 30 18.75 24.25 -35.46
CA ASP A 30 19.98 23.54 -35.18
C ASP A 30 20.33 22.72 -36.41
N ALA A 31 21.54 22.87 -36.91
CA ALA A 31 21.96 22.13 -38.09
C ALA A 31 22.28 20.67 -37.78
N ASN A 32 22.42 20.35 -36.49
CA ASN A 32 22.75 18.98 -36.10
C ASN A 32 21.58 18.03 -36.01
N VAL A 33 20.35 18.55 -36.01
CA VAL A 33 19.21 17.65 -35.93
C VAL A 33 19.01 17.10 -37.34
N ARG A 34 19.06 15.78 -37.46
CA ARG A 34 18.89 15.18 -38.75
C ARG A 34 17.84 14.09 -38.69
N LEU A 35 17.31 13.87 -37.49
CA LEU A 35 16.28 12.88 -37.28
C LEU A 35 15.16 13.54 -36.48
N VAL A 36 13.95 13.51 -37.02
CA VAL A 36 12.83 14.11 -36.32
C VAL A 36 11.73 13.07 -36.14
N VAL A 37 11.32 12.89 -34.88
CA VAL A 37 10.30 11.94 -34.53
C VAL A 37 9.03 12.68 -34.17
N LEU A 38 7.92 12.33 -34.81
CA LEU A 38 6.67 13.02 -34.53
C LEU A 38 5.57 12.12 -34.05
N SER A 39 4.62 12.74 -33.37
CA SER A 39 3.45 12.03 -32.90
C SER A 39 2.38 12.39 -33.93
N ALA A 40 1.16 11.94 -33.70
CA ALA A 40 0.07 12.26 -34.62
C ALA A 40 -0.38 13.69 -34.31
N SER A 41 -1.00 14.36 -35.28
CA SER A 41 -1.47 15.71 -35.02
C SER A 41 -2.40 15.61 -33.82
N ALA A 42 -2.43 16.66 -33.00
CA ALA A 42 -3.27 16.68 -31.82
C ALA A 42 -4.69 16.28 -32.13
N GLY A 43 -5.23 15.44 -31.24
CA GLY A 43 -6.59 14.96 -31.36
C GLY A 43 -6.77 13.65 -32.10
N ILE A 44 -6.03 13.52 -33.20
CA ILE A 44 -6.10 12.34 -34.06
C ILE A 44 -6.04 10.98 -33.37
N THR A 45 -4.96 10.71 -32.63
CA THR A 45 -4.83 9.41 -31.97
C THR A 45 -6.09 9.00 -31.20
N ASN A 46 -6.71 9.95 -30.51
CA ASN A 46 -7.92 9.64 -29.74
C ASN A 46 -9.08 9.22 -30.64
N LEU A 47 -9.30 9.96 -31.72
CA LEU A 47 -10.36 9.61 -32.65
C LEU A 47 -10.06 8.21 -33.18
N LEU A 48 -8.80 7.96 -33.54
CA LEU A 48 -8.42 6.64 -34.05
C LEU A 48 -8.72 5.54 -33.03
N VAL A 49 -8.40 5.77 -31.77
CA VAL A 49 -8.70 4.75 -30.79
C VAL A 49 -10.20 4.59 -30.61
N ALA A 50 -10.96 5.68 -30.70
CA ALA A 50 -12.41 5.58 -30.56
C ALA A 50 -12.92 4.65 -31.65
N LEU A 51 -12.44 4.85 -32.86
CA LEU A 51 -12.84 4.03 -34.00
C LEU A 51 -12.43 2.58 -33.76
N ALA A 52 -11.17 2.37 -33.37
CA ALA A 52 -10.68 1.01 -33.14
C ALA A 52 -11.56 0.23 -32.18
N GLU A 53 -12.43 0.92 -31.44
CA GLU A 53 -13.30 0.22 -30.52
C GLU A 53 -14.48 -0.38 -31.28
N GLY A 54 -14.77 0.20 -32.44
CA GLY A 54 -15.90 -0.27 -33.23
C GLY A 54 -17.11 0.57 -32.90
N LEU A 55 -17.44 1.51 -33.78
CA LEU A 55 -18.57 2.40 -33.55
C LEU A 55 -19.62 2.15 -34.62
N GLU A 56 -20.89 2.32 -34.29
CA GLU A 56 -21.92 2.13 -35.29
C GLU A 56 -21.66 3.20 -36.37
N PRO A 57 -22.06 2.91 -37.62
CA PRO A 57 -21.86 3.83 -38.73
C PRO A 57 -21.94 5.33 -38.43
N GLY A 58 -23.03 5.77 -37.81
CA GLY A 58 -23.21 7.19 -37.49
C GLY A 58 -22.04 7.83 -36.78
N GLU A 59 -21.80 7.33 -35.57
CA GLU A 59 -20.71 7.81 -34.72
C GLU A 59 -19.38 7.59 -35.44
N ARG A 60 -19.27 6.42 -36.07
CA ARG A 60 -18.06 6.03 -36.80
C ARG A 60 -17.58 7.07 -37.78
N PHE A 61 -18.51 7.75 -38.45
CA PHE A 61 -18.14 8.74 -39.43
C PHE A 61 -17.93 10.13 -38.83
N GLU A 62 -18.54 10.37 -37.68
CA GLU A 62 -18.35 11.65 -37.01
C GLU A 62 -16.87 11.76 -36.65
N LYS A 63 -16.32 10.61 -36.24
CA LYS A 63 -14.92 10.46 -35.85
C LYS A 63 -14.08 10.53 -37.10
N LEU A 64 -14.47 9.74 -38.09
CA LEU A 64 -13.76 9.72 -39.37
C LEU A 64 -13.62 11.13 -39.94
N ASP A 65 -14.75 11.81 -40.14
CA ASP A 65 -14.72 13.16 -40.70
C ASP A 65 -13.82 14.08 -39.87
N ALA A 66 -13.90 13.94 -38.56
CA ALA A 66 -13.10 14.74 -37.64
C ALA A 66 -11.65 14.64 -38.09
N ILE A 67 -11.20 13.40 -38.22
CA ILE A 67 -9.84 13.09 -38.64
C ILE A 67 -9.53 13.80 -39.95
N ARG A 68 -10.43 13.65 -40.92
CA ARG A 68 -10.25 14.27 -42.22
C ARG A 68 -10.04 15.77 -42.09
N ASN A 69 -10.98 16.42 -41.42
CA ASN A 69 -10.93 17.87 -41.24
C ASN A 69 -9.56 18.31 -40.78
N ILE A 70 -8.97 17.54 -39.88
CA ILE A 70 -7.65 17.86 -39.36
C ILE A 70 -6.61 17.77 -40.45
N GLN A 71 -6.63 16.69 -41.23
CA GLN A 71 -5.67 16.51 -42.30
C GLN A 71 -5.75 17.61 -43.35
N PHE A 72 -6.96 17.89 -43.83
CA PHE A 72 -7.11 18.90 -44.86
C PHE A 72 -6.80 20.34 -44.43
N ALA A 73 -7.02 20.66 -43.16
CA ALA A 73 -6.72 21.99 -42.66
C ALA A 73 -5.24 22.27 -42.90
N ILE A 74 -4.46 21.20 -42.97
CA ILE A 74 -3.03 21.31 -43.20
C ILE A 74 -2.73 21.27 -44.71
N LEU A 75 -3.43 20.39 -45.42
CA LEU A 75 -3.26 20.25 -46.88
C LEU A 75 -3.48 21.56 -47.62
N GLU A 76 -4.65 22.15 -47.38
CA GLU A 76 -5.08 23.38 -48.00
C GLU A 76 -4.08 24.53 -47.96
N ARG A 77 -3.24 24.57 -46.93
CA ARG A 77 -2.26 25.64 -46.80
C ARG A 77 -0.99 25.42 -47.63
N LEU A 78 -0.82 24.22 -48.16
CA LEU A 78 0.35 23.89 -48.97
C LEU A 78 0.25 24.56 -50.34
N ARG A 79 1.38 24.89 -50.97
CA ARG A 79 1.30 25.55 -52.26
C ARG A 79 1.03 24.59 -53.40
N TYR A 80 1.04 23.30 -53.11
CA TYR A 80 0.78 22.30 -54.15
C TYR A 80 0.16 21.03 -53.54
N PRO A 81 -0.93 21.20 -52.76
CA PRO A 81 -1.72 20.19 -52.05
C PRO A 81 -2.10 18.97 -52.87
N ASN A 82 -2.08 19.13 -54.19
CA ASN A 82 -2.48 18.07 -55.10
C ASN A 82 -1.87 16.70 -54.81
N VAL A 83 -0.58 16.56 -55.07
CA VAL A 83 0.10 15.30 -54.86
C VAL A 83 -0.12 14.72 -53.46
N ILE A 84 0.25 15.47 -52.44
CA ILE A 84 0.09 15.01 -51.07
C ILE A 84 -1.33 14.54 -50.82
N ARG A 85 -2.31 15.41 -51.03
CA ARG A 85 -3.73 15.06 -50.83
C ARG A 85 -4.01 13.61 -51.21
N GLU A 86 -3.39 13.14 -52.28
CA GLU A 86 -3.55 11.77 -52.75
C GLU A 86 -3.22 10.76 -51.67
N GLU A 87 -1.97 10.81 -51.20
CA GLU A 87 -1.52 9.90 -50.15
C GLU A 87 -2.47 9.90 -48.98
N ILE A 88 -2.80 11.09 -48.48
CA ILE A 88 -3.70 11.18 -47.34
C ILE A 88 -5.04 10.55 -47.70
N GLU A 89 -5.61 10.97 -48.81
CA GLU A 89 -6.89 10.42 -49.26
C GLU A 89 -6.82 8.91 -49.17
N ARG A 90 -5.73 8.34 -49.67
CA ARG A 90 -5.53 6.91 -49.67
C ARG A 90 -5.55 6.38 -48.22
N LEU A 91 -4.76 7.00 -47.36
CA LEU A 91 -4.70 6.60 -45.97
C LEU A 91 -6.06 6.75 -45.29
N LEU A 92 -6.72 7.88 -45.53
CA LEU A 92 -8.04 8.14 -44.94
C LEU A 92 -9.06 7.08 -45.32
N GLU A 93 -9.04 6.63 -46.58
CA GLU A 93 -9.97 5.61 -47.02
C GLU A 93 -9.68 4.32 -46.28
N ASN A 94 -8.40 3.95 -46.23
CA ASN A 94 -7.98 2.74 -45.54
C ASN A 94 -8.55 2.73 -44.11
N ILE A 95 -8.41 3.87 -43.42
CA ILE A 95 -8.93 3.98 -42.07
C ILE A 95 -10.43 3.70 -42.04
N THR A 96 -11.15 4.27 -42.99
CA THR A 96 -12.61 4.07 -43.05
C THR A 96 -12.97 2.59 -43.08
N VAL A 97 -12.22 1.81 -43.86
CA VAL A 97 -12.48 0.38 -43.96
C VAL A 97 -12.13 -0.36 -42.68
N LEU A 98 -10.91 -0.17 -42.20
CA LEU A 98 -10.49 -0.80 -40.97
C LEU A 98 -11.51 -0.46 -39.88
N ALA A 99 -11.95 0.79 -39.84
CA ALA A 99 -12.94 1.24 -38.85
C ALA A 99 -14.23 0.41 -39.05
N GLU A 100 -14.60 0.18 -40.29
CA GLU A 100 -15.79 -0.62 -40.55
C GLU A 100 -15.56 -1.99 -39.94
N ALA A 101 -14.37 -2.53 -40.20
CA ALA A 101 -13.98 -3.83 -39.68
C ALA A 101 -14.08 -3.87 -38.16
N ALA A 102 -13.42 -2.93 -37.50
CA ALA A 102 -13.46 -2.86 -36.05
C ALA A 102 -14.90 -3.05 -35.56
N ALA A 103 -15.85 -2.36 -36.19
CA ALA A 103 -17.26 -2.47 -35.82
C ALA A 103 -17.75 -3.92 -35.82
N LEU A 104 -16.98 -4.80 -36.47
CA LEU A 104 -17.32 -6.22 -36.56
C LEU A 104 -16.38 -7.09 -35.74
N ALA A 105 -15.08 -6.79 -35.81
CA ALA A 105 -14.09 -7.55 -35.08
C ALA A 105 -13.00 -6.65 -34.52
N THR A 106 -12.75 -6.74 -33.22
CA THR A 106 -11.74 -5.90 -32.58
C THR A 106 -10.67 -6.70 -31.89
N SER A 107 -9.51 -6.08 -31.72
CA SER A 107 -8.37 -6.71 -31.05
C SER A 107 -7.25 -5.68 -30.91
N PRO A 108 -6.35 -5.90 -29.96
CA PRO A 108 -5.23 -4.96 -29.76
C PRO A 108 -4.46 -4.80 -31.06
N ALA A 109 -4.24 -5.93 -31.72
CA ALA A 109 -3.53 -5.93 -32.98
C ALA A 109 -4.15 -5.01 -34.05
N LEU A 110 -5.47 -5.09 -34.22
CA LEU A 110 -6.13 -4.24 -35.21
C LEU A 110 -6.10 -2.79 -34.73
N THR A 111 -6.17 -2.61 -33.42
CA THR A 111 -6.15 -1.29 -32.81
C THR A 111 -4.87 -0.55 -33.16
N ASP A 112 -3.76 -1.28 -33.18
CA ASP A 112 -2.46 -0.73 -33.50
C ASP A 112 -2.33 -0.28 -34.95
N GLU A 113 -2.78 -1.13 -35.87
CA GLU A 113 -2.70 -0.79 -37.28
C GLU A 113 -3.52 0.46 -37.52
N LEU A 114 -4.68 0.53 -36.88
CA LEU A 114 -5.53 1.70 -37.04
C LEU A 114 -4.86 2.94 -36.51
N VAL A 115 -4.64 2.96 -35.19
CA VAL A 115 -4.02 4.08 -34.52
C VAL A 115 -2.77 4.60 -35.24
N SER A 116 -1.90 3.68 -35.66
CA SER A 116 -0.65 4.03 -36.34
C SER A 116 -0.78 5.02 -37.50
N HIS A 117 -1.92 5.02 -38.17
CA HIS A 117 -2.11 5.92 -39.29
C HIS A 117 -1.94 7.37 -38.86
N GLY A 118 -2.29 7.65 -37.61
CA GLY A 118 -2.15 9.00 -37.09
C GLY A 118 -0.76 9.54 -37.34
N GLU A 119 0.24 8.79 -36.89
CA GLU A 119 1.64 9.17 -37.05
C GLU A 119 2.12 9.16 -38.50
N LEU A 120 1.55 8.27 -39.32
CA LEU A 120 1.95 8.22 -40.72
C LEU A 120 1.55 9.49 -41.46
N MET A 121 0.33 9.96 -41.21
CA MET A 121 -0.14 11.17 -41.87
C MET A 121 0.67 12.42 -41.50
N SER A 122 0.75 12.72 -40.21
CA SER A 122 1.48 13.91 -39.80
C SER A 122 2.91 13.91 -40.33
N THR A 123 3.57 12.75 -40.29
CA THR A 123 4.93 12.64 -40.78
C THR A 123 4.97 13.01 -42.26
N LEU A 124 4.04 12.45 -43.03
CA LEU A 124 3.96 12.75 -44.45
C LEU A 124 3.78 14.25 -44.67
N LEU A 125 2.82 14.84 -43.98
CA LEU A 125 2.58 16.28 -44.11
C LEU A 125 3.78 17.13 -43.73
N PHE A 126 4.40 16.81 -42.60
CA PHE A 126 5.56 17.57 -42.15
C PHE A 126 6.67 17.60 -43.20
N VAL A 127 6.85 16.50 -43.92
CA VAL A 127 7.89 16.43 -44.94
C VAL A 127 7.58 17.42 -46.08
N GLU A 128 6.29 17.62 -46.36
CA GLU A 128 5.85 18.54 -47.41
C GLU A 128 6.13 19.98 -46.99
N ILE A 129 5.82 20.29 -45.74
CA ILE A 129 6.06 21.64 -45.22
C ILE A 129 7.53 22.00 -45.36
N LEU A 130 8.43 21.07 -45.05
CA LEU A 130 9.85 21.35 -45.16
C LEU A 130 10.28 21.47 -46.63
N ARG A 131 9.80 20.55 -47.45
CA ARG A 131 10.12 20.55 -48.87
C ARG A 131 9.66 21.88 -49.45
N GLU A 132 8.52 22.33 -48.96
CA GLU A 132 7.91 23.58 -49.41
C GLU A 132 8.80 24.75 -49.03
N ARG A 133 9.84 24.49 -48.26
CA ARG A 133 10.77 25.52 -47.83
C ARG A 133 12.13 25.32 -48.46
N ASP A 134 12.17 24.55 -49.54
CA ASP A 134 13.43 24.29 -50.22
C ASP A 134 14.40 23.68 -49.21
N VAL A 135 13.87 22.75 -48.41
CA VAL A 135 14.65 22.03 -47.40
C VAL A 135 14.62 20.58 -47.81
N GLN A 136 15.79 19.98 -47.96
CA GLN A 136 15.87 18.57 -48.36
C GLN A 136 15.55 17.72 -47.14
N ALA A 137 14.44 16.99 -47.21
CA ALA A 137 14.03 16.12 -46.10
C ALA A 137 13.24 14.96 -46.65
N GLN A 138 13.55 13.75 -46.22
CA GLN A 138 12.83 12.60 -46.72
C GLN A 138 11.99 11.95 -45.65
N TRP A 139 11.05 11.12 -46.11
CA TRP A 139 10.12 10.40 -45.26
C TRP A 139 10.70 9.02 -44.98
N PHE A 140 10.44 8.48 -43.81
CA PHE A 140 11.00 7.18 -43.45
C PHE A 140 9.99 6.45 -42.59
N ASP A 141 9.85 5.14 -42.81
CA ASP A 141 8.91 4.36 -42.01
C ASP A 141 9.67 3.68 -40.87
N VAL A 142 9.56 4.22 -39.67
CA VAL A 142 10.25 3.66 -38.52
C VAL A 142 10.11 2.16 -38.43
N ARG A 143 8.94 1.67 -38.84
CA ARG A 143 8.66 0.25 -38.80
C ARG A 143 9.71 -0.59 -39.52
N LYS A 144 10.56 0.09 -40.29
CA LYS A 144 11.65 -0.57 -41.02
C LYS A 144 12.78 -0.86 -40.03
N VAL A 145 12.72 -0.22 -38.87
CA VAL A 145 13.73 -0.37 -37.86
C VAL A 145 13.20 -0.70 -36.46
N MET A 146 11.99 -0.25 -36.15
CA MET A 146 11.40 -0.47 -34.84
C MET A 146 10.79 -1.88 -34.64
N ARG A 147 11.66 -2.88 -34.44
CA ARG A 147 11.24 -4.27 -34.21
C ARG A 147 10.79 -4.48 -32.78
N THR A 148 9.58 -4.97 -32.62
CA THR A 148 9.03 -5.21 -31.29
C THR A 148 8.42 -6.60 -31.23
N ASN A 149 7.97 -7.02 -30.05
CA ASN A 149 7.34 -8.31 -29.90
C ASN A 149 5.88 -8.14 -30.33
N ASP A 150 5.05 -9.14 -30.07
CA ASP A 150 3.65 -9.03 -30.45
C ASP A 150 2.72 -8.69 -29.29
N ARG A 151 3.22 -7.90 -28.34
CA ARG A 151 2.41 -7.47 -27.21
C ARG A 151 1.73 -6.20 -27.72
N PHE A 152 0.73 -6.39 -28.57
CA PHE A 152 0.02 -5.28 -29.16
C PHE A 152 -0.56 -4.34 -28.12
N GLY A 153 -0.24 -3.05 -28.27
CA GLY A 153 -0.69 -2.04 -27.34
C GLY A 153 0.46 -1.57 -26.48
N ARG A 154 1.36 -2.49 -26.18
CA ARG A 154 2.52 -2.23 -25.34
C ARG A 154 3.72 -3.03 -25.85
N ALA A 155 3.98 -2.98 -27.15
CA ALA A 155 5.08 -3.73 -27.75
C ALA A 155 6.42 -3.38 -27.12
N GLU A 156 7.20 -4.42 -26.83
CA GLU A 156 8.52 -4.31 -26.23
C GLU A 156 9.58 -4.20 -27.33
N PRO A 157 10.29 -3.07 -27.41
CA PRO A 157 11.29 -2.96 -28.47
C PRO A 157 12.50 -3.88 -28.30
N ASP A 158 12.91 -4.49 -29.39
CA ASP A 158 14.06 -5.40 -29.40
C ASP A 158 15.26 -4.52 -29.70
N ILE A 159 15.94 -4.08 -28.65
CA ILE A 159 17.09 -3.19 -28.80
C ILE A 159 18.06 -3.70 -29.86
N ALA A 160 18.57 -4.92 -29.68
CA ALA A 160 19.51 -5.52 -30.62
C ALA A 160 19.05 -5.36 -32.08
N ALA A 161 17.87 -5.87 -32.37
CA ALA A 161 17.33 -5.77 -33.73
C ALA A 161 17.33 -4.32 -34.18
N LEU A 162 16.74 -3.47 -33.36
CA LEU A 162 16.65 -2.04 -33.63
C LEU A 162 18.00 -1.47 -34.04
N ALA A 163 19.01 -1.70 -33.20
CA ALA A 163 20.34 -1.20 -33.49
C ALA A 163 20.85 -1.72 -34.83
N GLU A 164 20.58 -2.98 -35.12
CA GLU A 164 21.03 -3.57 -36.38
C GLU A 164 20.27 -2.95 -37.55
N LEU A 165 18.96 -3.11 -37.55
CA LEU A 165 18.13 -2.58 -38.62
C LEU A 165 18.37 -1.09 -38.84
N ALA A 166 18.60 -0.36 -37.75
CA ALA A 166 18.84 1.07 -37.83
C ALA A 166 20.07 1.35 -38.70
N ALA A 167 21.10 0.52 -38.51
CA ALA A 167 22.33 0.67 -39.26
C ALA A 167 22.12 0.31 -40.73
N LEU A 168 21.31 -0.72 -40.97
CA LEU A 168 21.04 -1.17 -42.33
C LEU A 168 20.14 -0.26 -43.15
N GLN A 169 19.18 0.41 -42.52
CA GLN A 169 18.28 1.23 -43.31
C GLN A 169 18.14 2.67 -42.90
N LEU A 170 18.27 2.95 -41.62
CA LEU A 170 18.11 4.33 -41.18
C LEU A 170 19.38 5.16 -41.31
N LEU A 171 20.49 4.69 -40.76
CA LEU A 171 21.72 5.48 -40.89
C LEU A 171 22.01 5.87 -42.34
N PRO A 172 21.91 4.91 -43.28
CA PRO A 172 22.18 5.28 -44.68
C PRO A 172 21.36 6.48 -45.15
N ARG A 173 20.07 6.52 -44.82
CA ARG A 173 19.24 7.64 -45.23
C ARG A 173 19.62 8.94 -44.52
N LEU A 174 20.00 8.84 -43.24
CA LEU A 174 20.41 10.02 -42.50
C LEU A 174 21.62 10.67 -43.18
N ASN A 175 22.46 9.85 -43.79
CA ASN A 175 23.64 10.37 -44.48
C ASN A 175 23.23 11.19 -45.68
N GLU A 176 22.15 10.80 -46.35
CA GLU A 176 21.65 11.54 -47.51
C GLU A 176 21.16 12.89 -47.06
N GLY A 177 20.81 13.01 -45.79
CA GLY A 177 20.31 14.27 -45.27
C GLY A 177 19.28 14.12 -44.17
N LEU A 178 18.43 15.12 -44.02
CA LEU A 178 17.39 15.13 -42.99
C LEU A 178 16.34 14.01 -43.15
N VAL A 179 15.95 13.39 -42.04
CA VAL A 179 14.95 12.32 -42.05
C VAL A 179 13.82 12.59 -41.08
N ILE A 180 12.59 12.47 -41.56
CA ILE A 180 11.39 12.70 -40.76
C ILE A 180 10.67 11.36 -40.58
N THR A 181 10.55 10.89 -39.36
CA THR A 181 9.89 9.61 -39.13
C THR A 181 8.86 9.62 -37.99
N GLN A 182 8.08 8.55 -37.90
CA GLN A 182 7.03 8.41 -36.89
C GLN A 182 7.55 7.92 -35.55
N GLY A 183 6.76 8.15 -34.51
CA GLY A 183 7.12 7.67 -33.19
C GLY A 183 5.95 6.85 -32.70
N PHE A 184 6.07 6.25 -31.51
CA PHE A 184 4.96 5.49 -30.96
C PHE A 184 4.61 4.21 -31.70
N ILE A 185 4.98 4.09 -32.97
CA ILE A 185 4.64 2.86 -33.68
C ILE A 185 5.85 1.98 -33.99
N GLY A 186 5.57 0.70 -34.25
CA GLY A 186 6.58 -0.28 -34.58
C GLY A 186 5.94 -1.45 -35.30
N SER A 187 6.73 -2.48 -35.60
CA SER A 187 6.20 -3.67 -36.27
C SER A 187 6.82 -4.91 -35.66
N GLU A 188 6.03 -5.97 -35.58
CA GLU A 188 6.49 -7.22 -35.01
C GLU A 188 7.13 -8.10 -36.08
N ASN A 189 7.87 -9.11 -35.65
CA ASN A 189 8.54 -10.01 -36.57
C ASN A 189 7.65 -10.50 -37.72
N LYS A 190 6.40 -10.87 -37.41
CA LYS A 190 5.49 -11.35 -38.46
C LYS A 190 4.88 -10.23 -39.30
N GLY A 191 5.45 -9.04 -39.21
CA GLY A 191 4.98 -7.92 -40.02
C GLY A 191 3.85 -7.04 -39.52
N ARG A 192 3.05 -7.51 -38.56
CA ARG A 192 1.95 -6.68 -38.07
C ARG A 192 2.44 -5.38 -37.43
N THR A 193 1.61 -4.34 -37.51
CA THR A 193 1.96 -3.06 -36.92
C THR A 193 1.76 -3.17 -35.41
N THR A 194 2.56 -2.42 -34.65
CA THR A 194 2.49 -2.44 -33.19
C THR A 194 2.72 -1.04 -32.64
N THR A 195 2.35 -0.81 -31.39
CA THR A 195 2.55 0.50 -30.75
C THR A 195 3.30 0.29 -29.44
N LEU A 196 3.85 1.36 -28.89
CA LEU A 196 4.62 1.27 -27.66
C LEU A 196 3.97 1.81 -26.38
N GLY A 197 2.67 2.05 -26.39
CA GLY A 197 2.02 2.55 -25.20
C GLY A 197 2.32 4.00 -24.92
N ARG A 198 1.64 4.56 -23.93
CA ARG A 198 1.80 5.96 -23.55
C ARG A 198 3.25 6.37 -23.52
N GLY A 199 3.55 7.52 -24.12
CA GLY A 199 4.92 8.02 -24.15
C GLY A 199 5.67 7.56 -25.37
N GLY A 200 5.06 6.65 -26.11
CA GLY A 200 5.67 6.12 -27.32
C GLY A 200 6.61 7.02 -28.11
N SER A 201 6.13 8.16 -28.57
CA SER A 201 6.97 9.07 -29.34
C SER A 201 8.21 9.49 -28.59
N ASP A 202 8.07 9.80 -27.31
CA ASP A 202 9.22 10.20 -26.50
C ASP A 202 10.13 8.98 -26.47
N TYR A 203 9.51 7.83 -26.23
CA TYR A 203 10.20 6.55 -26.15
C TYR A 203 11.00 6.32 -27.42
N THR A 204 10.35 6.54 -28.56
CA THR A 204 11.00 6.34 -29.84
C THR A 204 12.25 7.23 -29.96
N ALA A 205 12.06 8.54 -29.78
CA ALA A 205 13.17 9.46 -29.88
C ALA A 205 14.38 8.94 -29.10
N ALA A 206 14.13 8.30 -27.96
CA ALA A 206 15.23 7.78 -27.15
C ALA A 206 15.80 6.50 -27.76
N LEU A 207 14.91 5.60 -28.16
CA LEU A 207 15.29 4.33 -28.77
C LEU A 207 16.15 4.54 -30.02
N LEU A 208 15.69 5.40 -30.91
CA LEU A 208 16.42 5.71 -32.14
C LEU A 208 17.75 6.34 -31.80
N ALA A 209 17.73 7.23 -30.81
CA ALA A 209 18.93 7.92 -30.37
C ALA A 209 19.95 6.90 -29.88
N GLU A 210 19.48 5.96 -29.08
CA GLU A 210 20.34 4.92 -28.54
C GLU A 210 20.93 4.09 -29.66
N ALA A 211 20.09 3.76 -30.63
CA ALA A 211 20.50 2.93 -31.76
C ALA A 211 21.52 3.58 -32.70
N LEU A 212 21.51 4.90 -32.78
CA LEU A 212 22.41 5.61 -33.67
C LEU A 212 23.53 6.34 -32.96
N HIS A 213 23.72 6.04 -31.68
CA HIS A 213 24.76 6.74 -30.91
C HIS A 213 24.62 8.24 -31.14
N ALA A 214 23.40 8.74 -30.99
CA ALA A 214 23.16 10.17 -31.17
C ALA A 214 23.85 10.90 -30.03
N SER A 215 24.29 12.12 -30.31
CA SER A 215 24.97 12.93 -29.30
C SER A 215 24.00 13.57 -28.31
N ARG A 216 22.75 13.75 -28.75
CA ARG A 216 21.75 14.36 -27.90
C ARG A 216 20.36 14.13 -28.45
N VAL A 217 19.35 14.29 -27.59
CA VAL A 217 17.96 14.14 -28.00
C VAL A 217 17.12 15.27 -27.42
N ASP A 218 16.46 16.01 -28.29
CA ASP A 218 15.62 17.14 -27.85
C ASP A 218 14.15 16.76 -27.80
N ILE A 219 13.54 16.93 -26.63
CA ILE A 219 12.12 16.65 -26.48
C ILE A 219 11.44 17.99 -26.27
N TRP A 220 10.69 18.43 -27.27
CA TRP A 220 9.99 19.70 -27.19
C TRP A 220 8.60 19.55 -26.58
N THR A 221 8.44 20.10 -25.39
CA THR A 221 7.18 20.03 -24.67
C THR A 221 6.55 21.41 -24.51
N ASP A 222 5.66 21.56 -23.54
CA ASP A 222 4.99 22.83 -23.30
C ASP A 222 5.56 23.60 -22.10
N VAL A 223 6.75 23.21 -21.66
CA VAL A 223 7.42 23.86 -20.54
C VAL A 223 8.88 24.14 -20.86
N PRO A 224 9.36 25.34 -20.52
CA PRO A 224 10.72 25.83 -20.74
C PRO A 224 11.79 25.02 -20.01
N GLY A 225 11.35 23.96 -19.34
CA GLY A 225 12.28 23.13 -18.59
C GLY A 225 11.88 23.14 -17.13
N ILE A 226 12.73 22.61 -16.26
CA ILE A 226 12.40 22.59 -14.84
C ILE A 226 13.13 23.68 -14.08
N TYR A 227 12.41 24.26 -13.12
CA TYR A 227 12.95 25.32 -12.28
C TYR A 227 13.01 24.83 -10.85
N THR A 228 13.82 25.50 -10.03
CA THR A 228 13.98 25.14 -8.62
C THR A 228 12.62 25.08 -7.93
N THR A 229 11.66 25.84 -8.42
CA THR A 229 10.31 25.83 -7.88
C THR A 229 9.39 26.49 -8.88
N ASP A 230 8.09 26.43 -8.61
CA ASP A 230 7.11 27.03 -9.49
C ASP A 230 7.33 28.53 -9.49
N PRO A 231 7.77 29.09 -10.62
CA PRO A 231 8.01 30.53 -10.69
C PRO A 231 6.74 31.32 -10.33
N ARG A 232 5.58 30.70 -10.47
CA ARG A 232 4.32 31.37 -10.14
C ARG A 232 4.22 31.55 -8.64
N VAL A 233 5.05 30.80 -7.91
CA VAL A 233 5.05 30.87 -6.44
C VAL A 233 6.19 31.69 -5.89
N VAL A 234 7.40 31.47 -6.41
CA VAL A 234 8.55 32.23 -5.97
C VAL A 234 9.32 32.68 -7.22
N SER A 235 9.01 33.90 -7.67
CA SER A 235 9.64 34.45 -8.87
C SER A 235 11.14 34.30 -8.90
N ALA A 236 11.76 34.24 -7.73
CA ALA A 236 13.22 34.09 -7.66
C ALA A 236 13.65 32.71 -8.17
N ALA A 237 12.66 31.88 -8.49
CA ALA A 237 12.93 30.53 -8.99
C ALA A 237 13.92 30.54 -10.14
N LYS A 238 15.04 29.85 -9.96
CA LYS A 238 16.10 29.78 -10.98
C LYS A 238 15.89 28.57 -11.89
N ARG A 239 16.43 28.61 -13.10
CA ARG A 239 16.31 27.47 -14.00
C ARG A 239 17.38 26.43 -13.71
N ILE A 240 16.98 25.16 -13.71
CA ILE A 240 17.89 24.05 -13.48
C ILE A 240 18.45 23.64 -14.84
N ASP A 241 19.76 23.81 -15.01
CA ASP A 241 20.40 23.49 -16.27
C ASP A 241 20.55 21.99 -16.52
N GLU A 242 21.09 21.30 -15.53
CA GLU A 242 21.31 19.87 -15.66
C GLU A 242 20.75 19.14 -14.46
N ILE A 243 19.91 18.13 -14.70
CA ILE A 243 19.36 17.35 -13.61
C ILE A 243 19.64 15.89 -13.89
N ALA A 244 19.88 15.13 -12.82
CA ALA A 244 20.16 13.71 -12.96
C ALA A 244 18.86 12.96 -13.20
N PHE A 245 18.95 11.88 -13.96
CA PHE A 245 17.77 11.08 -14.28
C PHE A 245 17.06 10.70 -13.01
N ALA A 246 17.81 10.06 -12.12
CA ALA A 246 17.29 9.60 -10.84
C ALA A 246 16.46 10.67 -10.11
N GLU A 247 16.86 11.93 -10.27
CA GLU A 247 16.16 13.03 -9.63
C GLU A 247 14.92 13.41 -10.44
N ALA A 248 15.10 13.56 -11.74
CA ALA A 248 13.99 13.93 -12.61
C ALA A 248 12.81 12.98 -12.39
N ALA A 249 13.11 11.69 -12.31
CA ALA A 249 12.08 10.68 -12.10
C ALA A 249 11.28 10.96 -10.83
N GLU A 250 11.97 11.39 -9.79
CA GLU A 250 11.33 11.71 -8.53
C GLU A 250 10.71 13.10 -8.56
N MET A 251 10.82 13.78 -9.70
CA MET A 251 10.25 15.11 -9.82
C MET A 251 8.78 15.04 -10.19
N ALA A 252 7.95 15.29 -9.17
CA ALA A 252 6.48 15.27 -9.26
C ALA A 252 5.92 16.02 -10.46
N THR A 253 6.12 17.33 -10.47
CA THR A 253 5.65 18.18 -11.54
C THR A 253 6.35 17.92 -12.88
N PHE A 254 7.30 17.00 -12.88
CA PHE A 254 8.02 16.65 -14.11
C PHE A 254 7.18 15.62 -14.86
N GLY A 255 6.93 14.47 -14.22
CA GLY A 255 6.12 13.45 -14.87
C GLY A 255 4.74 13.96 -15.27
N ALA A 256 4.10 14.65 -14.34
CA ALA A 256 2.77 15.20 -14.58
C ALA A 256 2.75 16.21 -15.73
N LYS A 257 3.33 17.39 -15.49
CA LYS A 257 3.37 18.45 -16.50
C LYS A 257 4.33 18.20 -17.65
N VAL A 258 5.33 17.34 -17.45
CA VAL A 258 6.30 17.02 -18.49
C VAL A 258 6.11 15.57 -18.97
N LEU A 259 7.15 14.97 -19.56
CA LEU A 259 7.07 13.59 -20.06
C LEU A 259 7.35 12.54 -18.99
N HIS A 260 7.04 11.28 -19.30
CA HIS A 260 7.24 10.18 -18.38
C HIS A 260 8.67 9.63 -18.38
N PRO A 261 9.32 9.60 -17.19
CA PRO A 261 10.69 9.12 -16.98
C PRO A 261 11.07 7.80 -17.65
N ALA A 262 10.15 6.85 -17.67
CA ALA A 262 10.46 5.56 -18.28
C ALA A 262 10.87 5.69 -19.75
N THR A 263 10.23 6.59 -20.49
CA THR A 263 10.54 6.74 -21.91
C THR A 263 11.98 7.14 -22.24
N LEU A 264 12.66 7.83 -21.34
CA LEU A 264 14.02 8.29 -21.60
C LEU A 264 15.11 7.28 -21.25
N LEU A 265 14.70 6.17 -20.66
CA LEU A 265 15.64 5.14 -20.24
C LEU A 265 16.65 4.68 -21.28
N PRO A 266 16.22 4.51 -22.53
CA PRO A 266 17.20 4.07 -23.53
C PRO A 266 18.30 5.10 -23.68
N ALA A 267 17.92 6.36 -23.63
CA ALA A 267 18.90 7.42 -23.77
C ALA A 267 19.83 7.47 -22.57
N VAL A 268 19.25 7.56 -21.37
CA VAL A 268 20.08 7.62 -20.16
C VAL A 268 21.04 6.45 -20.03
N ARG A 269 20.55 5.23 -20.22
CA ARG A 269 21.40 4.05 -20.10
C ARG A 269 22.55 4.06 -21.08
N SER A 270 22.40 4.84 -22.15
CA SER A 270 23.43 4.94 -23.16
C SER A 270 24.13 6.29 -23.11
N ASP A 271 23.99 6.98 -22.00
CA ASP A 271 24.62 8.28 -21.80
C ASP A 271 24.44 9.27 -22.94
N ILE A 272 23.18 9.53 -23.29
CA ILE A 272 22.85 10.52 -24.33
C ILE A 272 21.93 11.55 -23.68
N PRO A 273 22.46 12.75 -23.46
CA PRO A 273 21.71 13.85 -22.83
C PRO A 273 20.35 14.11 -23.46
N VAL A 274 19.34 14.25 -22.61
CA VAL A 274 18.00 14.55 -23.08
C VAL A 274 17.65 15.97 -22.71
N PHE A 275 17.58 16.84 -23.71
CA PHE A 275 17.24 18.22 -23.46
C PHE A 275 15.72 18.36 -23.48
N VAL A 276 15.15 18.91 -22.42
CA VAL A 276 13.70 19.11 -22.39
C VAL A 276 13.44 20.60 -22.46
N GLY A 277 12.85 21.05 -23.56
CA GLY A 277 12.54 22.46 -23.71
C GLY A 277 11.09 22.68 -24.09
N SER A 278 10.75 23.92 -24.42
CA SER A 278 9.38 24.25 -24.81
C SER A 278 9.31 24.69 -26.26
N SER A 279 8.38 24.08 -27.00
CA SER A 279 8.21 24.38 -28.41
C SER A 279 7.56 25.75 -28.54
N LYS A 280 6.79 26.14 -27.53
CA LYS A 280 6.13 27.45 -27.54
C LYS A 280 7.08 28.57 -27.11
N ASP A 281 8.38 28.29 -27.07
CA ASP A 281 9.33 29.29 -26.63
C ASP A 281 10.74 28.70 -26.57
N PRO A 282 11.34 28.43 -27.74
CA PRO A 282 12.68 27.85 -27.79
C PRO A 282 13.81 28.70 -27.20
N ARG A 283 13.67 30.02 -27.24
CA ARG A 283 14.72 30.89 -26.72
C ARG A 283 14.93 30.70 -25.22
N ALA A 284 13.85 30.48 -24.48
CA ALA A 284 13.90 30.30 -23.02
C ALA A 284 14.87 29.22 -22.54
N GLY A 285 15.40 28.42 -23.46
CA GLY A 285 16.31 27.36 -23.07
C GLY A 285 15.54 26.25 -22.38
N GLY A 286 16.25 25.25 -21.88
CA GLY A 286 15.57 24.15 -21.20
C GLY A 286 16.41 23.47 -20.14
N THR A 287 16.20 22.17 -19.98
CA THR A 287 16.92 21.37 -18.99
C THR A 287 17.47 20.06 -19.57
N LEU A 288 18.69 19.69 -19.20
CA LEU A 288 19.28 18.45 -19.68
C LEU A 288 19.17 17.32 -18.66
N VAL A 289 18.51 16.24 -19.05
CA VAL A 289 18.37 15.10 -18.15
C VAL A 289 19.53 14.14 -18.45
N CYS A 290 20.47 14.08 -17.54
CA CYS A 290 21.65 13.24 -17.74
C CYS A 290 21.67 12.06 -16.79
N ASN A 291 22.45 11.06 -17.14
CA ASN A 291 22.57 9.86 -16.33
C ASN A 291 23.13 10.26 -14.96
N LYS A 292 24.19 11.06 -14.98
CA LYS A 292 24.83 11.55 -13.77
C LYS A 292 25.26 13.00 -13.94
N THR A 293 25.32 13.75 -12.84
CA THR A 293 25.74 15.15 -12.90
C THR A 293 26.97 15.34 -12.03
N GLU A 294 27.85 16.25 -12.45
CA GLU A 294 29.10 16.54 -11.75
C GLU A 294 29.06 16.38 -10.23
N ASN A 295 28.58 17.41 -9.53
CA ASN A 295 28.50 17.38 -8.07
C ASN A 295 27.07 17.67 -7.69
N PRO A 296 26.27 16.62 -7.54
CA PRO A 296 24.85 16.71 -7.18
C PRO A 296 24.60 17.37 -5.84
N PRO A 297 23.74 18.39 -5.81
CA PRO A 297 23.40 19.12 -4.59
C PRO A 297 22.54 18.31 -3.62
N LEU A 298 22.63 18.65 -2.34
CA LEU A 298 21.82 17.96 -1.33
C LEU A 298 20.37 18.18 -1.68
N PHE A 299 20.07 19.37 -2.20
CA PHE A 299 18.74 19.71 -2.63
C PHE A 299 18.81 20.30 -4.05
N ARG A 300 18.02 19.76 -4.95
CA ARG A 300 18.03 20.22 -6.33
C ARG A 300 16.77 20.97 -6.72
N ALA A 301 15.68 20.72 -6.00
CA ALA A 301 14.41 21.38 -6.31
C ALA A 301 13.24 21.03 -5.38
N LEU A 302 12.27 21.94 -5.29
CA LEU A 302 11.07 21.74 -4.49
C LEU A 302 9.88 21.65 -5.43
N ALA A 303 9.06 20.61 -5.26
CA ALA A 303 7.88 20.42 -6.10
C ALA A 303 6.60 20.72 -5.32
N LEU A 304 5.60 21.25 -6.00
CA LEU A 304 4.32 21.56 -5.37
C LEU A 304 3.14 21.03 -6.19
N ARG A 305 2.35 20.15 -5.57
CA ARG A 305 1.15 19.57 -6.18
C ARG A 305 0.05 19.95 -5.22
N ARG A 306 -0.78 20.92 -5.58
CA ARG A 306 -1.85 21.35 -4.69
C ARG A 306 -3.11 20.53 -4.84
N ASN A 307 -4.06 20.75 -3.94
CA ASN A 307 -5.35 20.04 -3.95
C ASN A 307 -5.25 18.53 -4.09
N GLN A 308 -4.60 17.90 -3.11
CA GLN A 308 -4.44 16.45 -3.09
C GLN A 308 -5.45 15.93 -2.07
N THR A 309 -6.07 14.80 -2.37
CA THR A 309 -7.06 14.23 -1.49
C THR A 309 -6.45 13.10 -0.68
N LEU A 310 -6.60 13.20 0.63
CA LEU A 310 -6.06 12.23 1.57
C LEU A 310 -7.11 11.23 2.03
N LEU A 311 -6.91 9.96 1.68
CA LEU A 311 -7.82 8.91 2.08
C LEU A 311 -7.19 8.15 3.24
N THR A 312 -7.87 8.15 4.39
CA THR A 312 -7.37 7.44 5.56
C THR A 312 -8.22 6.20 5.84
N LEU A 313 -7.57 5.04 5.84
CA LEU A 313 -8.27 3.77 6.07
C LEU A 313 -7.93 3.18 7.43
N HIS A 314 -8.93 3.11 8.30
CA HIS A 314 -8.77 2.60 9.65
C HIS A 314 -9.51 1.28 9.88
N SER A 315 -8.88 0.34 10.59
CA SER A 315 -9.50 -0.95 10.88
C SER A 315 -8.59 -1.87 11.70
N LEU A 316 -9.04 -2.15 12.93
CA LEU A 316 -8.29 -2.99 13.86
C LEU A 316 -7.94 -4.34 13.24
N ASN A 317 -8.63 -4.70 12.16
CA ASN A 317 -8.42 -5.98 11.52
C ASN A 317 -7.22 -6.10 10.59
N MET A 318 -6.57 -4.97 10.27
CA MET A 318 -5.41 -5.06 9.41
C MET A 318 -4.21 -5.53 10.22
N LEU A 319 -4.31 -5.36 11.53
CA LEU A 319 -3.26 -5.76 12.45
C LEU A 319 -2.93 -7.25 12.36
N HIS A 320 -1.74 -7.57 11.86
CA HIS A 320 -1.31 -8.97 11.74
C HIS A 320 -2.04 -9.75 10.66
N SER A 321 -2.91 -9.08 9.91
CA SER A 321 -3.63 -9.77 8.84
C SER A 321 -2.83 -9.74 7.55
N ARG A 322 -3.05 -10.72 6.68
CA ARG A 322 -2.35 -10.77 5.40
C ARG A 322 -3.38 -10.40 4.34
N GLY A 323 -2.94 -9.68 3.32
CA GLY A 323 -3.85 -9.31 2.25
C GLY A 323 -4.87 -8.20 2.45
N PHE A 324 -4.84 -7.50 3.58
CA PHE A 324 -5.81 -6.42 3.77
C PHE A 324 -5.56 -5.38 2.71
N LEU A 325 -4.31 -5.00 2.55
CA LEU A 325 -3.97 -3.99 1.55
C LEU A 325 -4.11 -4.56 0.16
N ALA A 326 -3.77 -5.83 0.01
CA ALA A 326 -3.87 -6.47 -1.29
C ALA A 326 -5.28 -6.24 -1.82
N GLU A 327 -6.25 -6.35 -0.92
CA GLU A 327 -7.65 -6.18 -1.30
C GLU A 327 -8.05 -4.73 -1.49
N VAL A 328 -7.59 -3.87 -0.59
CA VAL A 328 -7.92 -2.46 -0.69
C VAL A 328 -7.39 -1.87 -2.00
N PHE A 329 -6.14 -2.16 -2.33
CA PHE A 329 -5.60 -1.62 -3.56
C PHE A 329 -6.23 -2.32 -4.77
N GLY A 330 -6.66 -3.55 -4.58
CA GLY A 330 -7.31 -4.25 -5.66
C GLY A 330 -8.56 -3.43 -5.97
N ILE A 331 -9.33 -3.16 -4.92
CA ILE A 331 -10.55 -2.36 -5.07
C ILE A 331 -10.21 -1.04 -5.75
N LEU A 332 -9.22 -0.34 -5.21
CA LEU A 332 -8.84 0.96 -5.78
C LEU A 332 -8.51 0.84 -7.28
N ALA A 333 -7.73 -0.16 -7.66
CA ALA A 333 -7.40 -0.33 -9.06
C ALA A 333 -8.70 -0.49 -9.85
N ARG A 334 -9.50 -1.48 -9.47
CA ARG A 334 -10.78 -1.75 -10.15
C ARG A 334 -11.58 -0.46 -10.39
N HIS A 335 -11.51 0.47 -9.45
CA HIS A 335 -12.22 1.74 -9.58
C HIS A 335 -11.45 2.81 -10.34
N ASN A 336 -10.46 2.37 -11.12
CA ASN A 336 -9.66 3.28 -11.92
C ASN A 336 -8.95 4.37 -11.13
N ILE A 337 -8.23 4.00 -10.09
CA ILE A 337 -7.52 5.00 -9.32
C ILE A 337 -6.06 4.60 -9.13
N SER A 338 -5.20 5.60 -9.19
CA SER A 338 -3.78 5.40 -9.03
C SER A 338 -3.41 6.00 -7.68
N VAL A 339 -2.73 5.22 -6.86
CA VAL A 339 -2.32 5.70 -5.55
C VAL A 339 -0.95 6.36 -5.67
N ASP A 340 -0.81 7.52 -5.03
CA ASP A 340 0.46 8.23 -5.05
C ASP A 340 1.22 7.96 -3.75
N LEU A 341 0.91 8.74 -2.71
CA LEU A 341 1.57 8.57 -1.42
C LEU A 341 0.86 7.57 -0.51
N ILE A 342 1.64 6.94 0.36
CA ILE A 342 1.11 5.96 1.31
C ILE A 342 1.93 6.03 2.59
N THR A 343 1.23 6.12 3.72
CA THR A 343 1.87 6.14 5.03
C THR A 343 1.05 5.21 5.90
N THR A 344 1.69 4.56 6.86
CA THR A 344 0.98 3.63 7.70
C THR A 344 1.23 3.78 9.19
N SER A 345 0.28 3.29 9.97
CA SER A 345 0.36 3.29 11.41
C SER A 345 0.07 1.84 11.72
N GLU A 346 -0.07 1.48 12.99
CA GLU A 346 -0.34 0.10 13.31
C GLU A 346 -1.66 -0.40 12.75
N VAL A 347 -2.75 0.32 13.04
CA VAL A 347 -4.07 -0.10 12.58
C VAL A 347 -4.75 0.87 11.62
N SER A 348 -3.95 1.59 10.84
CA SER A 348 -4.51 2.55 9.91
C SER A 348 -3.52 2.88 8.80
N VAL A 349 -4.05 3.14 7.61
CA VAL A 349 -3.23 3.49 6.46
C VAL A 349 -3.83 4.71 5.76
N ALA A 350 -2.96 5.66 5.39
CA ALA A 350 -3.40 6.88 4.71
C ALA A 350 -2.69 7.01 3.37
N LEU A 351 -3.47 7.29 2.33
CA LEU A 351 -2.89 7.43 1.01
C LEU A 351 -3.53 8.61 0.29
N THR A 352 -2.85 9.10 -0.74
CA THR A 352 -3.35 10.21 -1.54
C THR A 352 -3.57 9.69 -2.95
N LEU A 353 -4.58 10.22 -3.62
CA LEU A 353 -4.91 9.79 -4.97
C LEU A 353 -3.99 10.43 -6.00
N ASP A 354 -3.47 9.63 -6.94
CA ASP A 354 -2.62 10.15 -8.01
C ASP A 354 -3.58 10.67 -9.08
N THR A 355 -3.81 11.97 -9.09
CA THR A 355 -4.75 12.56 -10.03
C THR A 355 -4.35 12.41 -11.49
N THR A 356 -3.06 12.33 -11.75
CA THR A 356 -2.56 12.17 -13.11
C THR A 356 -2.86 10.78 -13.70
N GLY A 357 -2.60 9.73 -12.92
CA GLY A 357 -2.84 8.39 -13.41
C GLY A 357 -4.25 7.85 -13.18
N SER A 358 -5.19 8.74 -12.89
CA SER A 358 -6.59 8.37 -12.63
C SER A 358 -7.50 9.05 -13.66
N THR A 359 -8.45 8.30 -14.21
CA THR A 359 -9.37 8.86 -15.22
C THR A 359 -10.18 10.05 -14.73
N SER A 360 -10.15 11.12 -15.52
CA SER A 360 -10.87 12.35 -15.22
C SER A 360 -12.33 12.22 -15.65
N THR A 361 -12.80 10.98 -15.76
CA THR A 361 -14.18 10.70 -16.16
C THR A 361 -15.14 11.00 -15.02
N GLY A 362 -15.52 12.27 -14.88
CA GLY A 362 -16.43 12.67 -13.83
C GLY A 362 -16.00 13.92 -13.12
N ASP A 363 -16.56 14.15 -11.93
CA ASP A 363 -16.24 15.31 -11.12
C ASP A 363 -15.41 14.97 -9.89
N THR A 364 -15.62 13.77 -9.36
CA THR A 364 -14.87 13.31 -8.18
C THR A 364 -14.40 11.88 -8.31
N LEU A 365 -13.13 11.65 -7.99
CA LEU A 365 -12.52 10.33 -8.04
C LEU A 365 -13.15 9.38 -7.04
N LEU A 366 -13.51 9.93 -5.88
CA LEU A 366 -14.12 9.13 -4.83
C LEU A 366 -15.64 9.03 -4.96
N THR A 367 -16.11 7.96 -5.59
CA THR A 367 -17.54 7.77 -5.73
C THR A 367 -18.08 6.94 -4.57
N GLN A 368 -19.36 7.16 -4.24
CA GLN A 368 -19.98 6.42 -3.14
C GLN A 368 -19.88 4.92 -3.38
N SER A 369 -19.72 4.56 -4.65
CA SER A 369 -19.58 3.16 -5.03
C SER A 369 -18.31 2.60 -4.41
N LEU A 370 -17.21 3.33 -4.62
CA LEU A 370 -15.90 2.94 -4.10
C LEU A 370 -15.93 2.93 -2.58
N LEU A 371 -16.40 4.03 -2.00
CA LEU A 371 -16.49 4.17 -0.55
C LEU A 371 -17.27 3.04 0.10
N MET A 372 -18.31 2.56 -0.56
CA MET A 372 -19.09 1.48 0.00
C MET A 372 -18.22 0.22 0.00
N GLU A 373 -17.58 -0.06 -1.13
CA GLU A 373 -16.73 -1.23 -1.27
C GLU A 373 -15.64 -1.21 -0.19
N LEU A 374 -15.11 -0.01 0.08
CA LEU A 374 -14.07 0.20 1.08
C LEU A 374 -14.58 0.11 2.51
N SER A 375 -15.60 0.89 2.81
CA SER A 375 -16.17 0.90 4.14
C SER A 375 -16.45 -0.51 4.60
N ALA A 376 -16.66 -1.40 3.65
CA ALA A 376 -16.94 -2.79 3.93
C ALA A 376 -15.83 -3.44 4.73
N LEU A 377 -14.69 -2.78 4.82
CA LEU A 377 -13.61 -3.40 5.58
C LEU A 377 -12.69 -2.43 6.27
N CYS A 378 -13.20 -1.23 6.54
CA CYS A 378 -12.43 -0.19 7.21
C CYS A 378 -13.18 1.14 7.27
N ARG A 379 -12.91 1.93 8.30
CA ARG A 379 -13.57 3.23 8.43
C ARG A 379 -12.86 4.26 7.57
N VAL A 380 -13.56 4.68 6.52
CA VAL A 380 -13.05 5.65 5.57
C VAL A 380 -13.22 7.10 5.98
N GLU A 381 -12.12 7.84 6.00
CA GLU A 381 -12.15 9.25 6.33
C GLU A 381 -11.44 9.97 5.21
N VAL A 382 -12.03 11.06 4.73
CA VAL A 382 -11.46 11.81 3.62
C VAL A 382 -11.12 13.27 3.92
N GLU A 383 -10.01 13.73 3.34
CA GLU A 383 -9.52 15.10 3.48
C GLU A 383 -9.03 15.60 2.13
N GLU A 384 -9.62 16.67 1.64
CA GLU A 384 -9.22 17.26 0.37
C GLU A 384 -8.61 18.65 0.63
N GLY A 385 -7.96 19.21 -0.39
CA GLY A 385 -7.37 20.52 -0.22
C GLY A 385 -5.98 20.52 0.38
N LEU A 386 -5.39 19.34 0.52
CA LEU A 386 -4.05 19.26 1.06
C LEU A 386 -3.10 19.52 -0.08
N ALA A 387 -1.90 20.00 0.21
CA ALA A 387 -0.92 20.27 -0.83
C ALA A 387 0.35 19.47 -0.60
N LEU A 388 0.79 18.79 -1.65
CA LEU A 388 2.00 17.99 -1.57
C LEU A 388 3.22 18.86 -1.82
N VAL A 389 4.18 18.82 -0.92
CA VAL A 389 5.42 19.58 -1.09
C VAL A 389 6.53 18.54 -1.09
N ALA A 390 7.39 18.60 -2.11
CA ALA A 390 8.44 17.61 -2.20
C ALA A 390 9.84 18.16 -2.47
N LEU A 391 10.82 17.68 -1.71
CA LEU A 391 12.20 18.10 -1.89
C LEU A 391 12.94 17.05 -2.71
N ILE A 392 13.33 17.41 -3.93
CA ILE A 392 14.07 16.48 -4.76
C ILE A 392 15.54 16.80 -4.59
N GLY A 393 16.37 15.77 -4.40
CA GLY A 393 17.79 16.02 -4.23
C GLY A 393 18.64 14.78 -4.23
N ASN A 394 19.73 14.81 -3.47
CA ASN A 394 20.64 13.67 -3.39
C ASN A 394 21.12 13.37 -1.98
N ASP A 395 21.39 12.10 -1.75
CA ASP A 395 21.85 11.59 -0.46
C ASP A 395 20.93 11.88 0.69
N LEU A 396 19.65 12.09 0.38
CA LEU A 396 18.62 12.38 1.38
C LEU A 396 18.32 11.17 2.26
N SER A 397 18.92 10.04 1.94
CA SER A 397 18.70 8.83 2.73
C SER A 397 19.87 7.90 2.61
N LYS A 398 20.20 7.23 3.71
CA LYS A 398 21.31 6.31 3.74
C LYS A 398 21.00 5.14 4.69
N ALA A 399 21.64 4.00 4.46
CA ALA A 399 21.41 2.80 5.27
C ALA A 399 21.59 3.07 6.77
N CYS A 400 22.40 4.08 7.08
CA CYS A 400 22.69 4.46 8.46
C CYS A 400 21.78 5.62 8.87
N GLY A 401 20.82 5.96 8.00
CA GLY A 401 19.91 7.04 8.31
C GLY A 401 20.55 8.39 8.05
N VAL A 402 19.75 9.45 8.20
CA VAL A 402 20.24 10.80 7.99
C VAL A 402 19.84 11.68 9.17
N GLY A 403 20.74 12.59 9.54
CA GLY A 403 20.47 13.46 10.67
C GLY A 403 19.54 14.61 10.37
N LYS A 404 19.69 15.69 11.14
CA LYS A 404 18.88 16.90 11.01
C LYS A 404 19.27 17.73 9.80
N GLU A 405 20.39 17.38 9.20
CA GLU A 405 20.89 18.08 8.02
C GLU A 405 19.76 18.11 7.01
N VAL A 406 19.07 16.97 6.91
CA VAL A 406 17.96 16.83 5.98
C VAL A 406 16.60 17.11 6.61
N PHE A 407 16.49 16.91 7.92
CA PHE A 407 15.22 17.12 8.61
C PHE A 407 14.92 18.55 9.05
N GLY A 408 15.89 19.18 9.69
CA GLY A 408 15.71 20.55 10.17
C GLY A 408 15.04 21.45 9.15
N VAL A 409 15.22 21.12 7.88
CA VAL A 409 14.64 21.91 6.81
C VAL A 409 13.13 22.08 6.94
N LEU A 410 12.46 21.07 7.49
CA LEU A 410 11.00 21.07 7.64
C LEU A 410 10.51 21.44 9.05
N GLU A 411 11.39 22.02 9.85
CA GLU A 411 11.03 22.37 11.21
C GLU A 411 9.92 23.42 11.39
N PRO A 412 10.12 24.60 10.81
CA PRO A 412 9.15 25.70 10.92
C PRO A 412 7.73 25.50 10.41
N PHE A 413 7.38 24.33 9.90
CA PHE A 413 6.04 24.15 9.38
C PHE A 413 5.17 23.09 10.05
N ASN A 414 3.86 23.26 9.89
CA ASN A 414 2.89 22.32 10.43
C ASN A 414 2.68 21.28 9.35
N ILE A 415 3.22 20.10 9.60
CA ILE A 415 3.15 19.04 8.63
C ILE A 415 2.07 18.04 8.99
N ARG A 416 1.29 17.62 8.00
CA ARG A 416 0.21 16.67 8.25
C ARG A 416 0.54 15.25 7.80
N MET A 417 1.61 15.09 7.04
CA MET A 417 2.02 13.77 6.55
C MET A 417 3.44 13.79 6.03
N ILE A 418 4.20 12.74 6.32
CA ILE A 418 5.57 12.68 5.85
C ILE A 418 5.86 11.33 5.23
N CYS A 419 6.55 11.36 4.11
CA CYS A 419 6.95 10.15 3.40
C CYS A 419 8.46 10.24 3.23
N TYR A 420 9.19 9.38 3.94
CA TYR A 420 10.63 9.42 3.87
C TYR A 420 11.24 8.03 4.00
N GLY A 421 12.27 7.74 3.21
CA GLY A 421 12.91 6.45 3.30
C GLY A 421 12.87 5.63 2.03
N ALA A 422 11.83 5.85 1.23
CA ALA A 422 11.69 5.12 -0.01
C ALA A 422 12.81 5.48 -0.99
N SER A 423 13.10 6.78 -1.12
CA SER A 423 14.12 7.27 -2.03
C SER A 423 15.15 8.22 -1.41
N SER A 424 16.37 8.13 -1.90
CA SER A 424 17.46 8.97 -1.41
C SER A 424 17.44 10.28 -2.17
N HIS A 425 16.54 10.36 -3.15
CA HIS A 425 16.42 11.55 -4.00
C HIS A 425 15.16 12.35 -3.72
N ASN A 426 14.27 11.79 -2.90
CA ASN A 426 13.00 12.45 -2.61
C ASN A 426 12.62 12.46 -1.13
N LEU A 427 11.98 13.54 -0.71
CA LEU A 427 11.48 13.68 0.65
C LEU A 427 10.28 14.58 0.51
N CYS A 428 9.09 14.02 0.69
CA CYS A 428 7.90 14.83 0.56
C CYS A 428 7.00 14.74 1.77
N PHE A 429 6.11 15.71 1.89
CA PHE A 429 5.19 15.77 3.00
C PHE A 429 3.95 16.54 2.55
N LEU A 430 2.95 16.55 3.40
CA LEU A 430 1.71 17.26 3.09
C LEU A 430 1.49 18.37 4.10
N VAL A 431 0.88 19.45 3.63
CA VAL A 431 0.52 20.58 4.47
C VAL A 431 -0.80 21.08 3.93
N PRO A 432 -1.54 21.81 4.77
CA PRO A 432 -2.84 22.33 4.34
C PRO A 432 -2.60 23.35 3.23
N GLY A 433 -3.48 23.37 2.24
CA GLY A 433 -3.35 24.28 1.12
C GLY A 433 -2.99 25.71 1.48
N GLU A 434 -3.74 26.29 2.41
CA GLU A 434 -3.51 27.67 2.85
C GLU A 434 -2.03 27.90 3.09
N ASP A 435 -1.39 26.97 3.76
CA ASP A 435 0.04 27.08 4.07
C ASP A 435 0.96 26.79 2.89
N ALA A 436 0.54 25.90 2.01
CA ALA A 436 1.33 25.52 0.84
C ALA A 436 2.30 26.57 0.29
N GLU A 437 1.82 27.75 -0.09
CA GLU A 437 2.72 28.74 -0.66
C GLU A 437 3.75 29.33 0.30
N GLN A 438 3.34 29.66 1.52
CA GLN A 438 4.31 30.20 2.46
C GLN A 438 5.41 29.17 2.69
N VAL A 439 5.01 27.91 2.89
CA VAL A 439 5.99 26.84 3.12
C VAL A 439 6.97 26.78 1.96
N VAL A 440 6.46 26.68 0.74
CA VAL A 440 7.32 26.63 -0.43
C VAL A 440 8.25 27.85 -0.46
N GLN A 441 7.66 29.05 -0.35
CA GLN A 441 8.47 30.27 -0.40
C GLN A 441 9.57 30.27 0.63
N LYS A 442 9.24 29.90 1.87
CA LYS A 442 10.24 29.89 2.93
C LYS A 442 11.28 28.80 2.72
N LEU A 443 10.81 27.60 2.39
CA LEU A 443 11.71 26.49 2.18
C LEU A 443 12.67 26.79 1.03
N HIS A 444 12.18 27.50 0.01
CA HIS A 444 13.05 27.82 -1.11
C HIS A 444 14.07 28.84 -0.72
N SER A 445 13.60 29.88 -0.05
CA SER A 445 14.47 30.97 0.38
C SER A 445 15.73 30.49 1.07
N ASN A 446 15.59 29.56 2.01
CA ASN A 446 16.71 29.04 2.76
C ASN A 446 17.53 27.96 2.06
N LEU A 447 16.96 27.31 1.06
CA LEU A 447 17.69 26.24 0.37
C LEU A 447 18.27 26.64 -0.97
N PHE A 448 17.69 27.66 -1.59
CA PHE A 448 18.18 28.07 -2.89
C PHE A 448 18.41 29.57 -3.04
N GLU A 449 17.49 30.38 -2.53
CA GLU A 449 17.64 31.83 -2.62
C GLU A 449 18.87 32.26 -1.83
N SER B 2 -25.01 -4.13 38.92
CA SER B 2 -24.00 -3.94 37.84
C SER B 2 -22.59 -4.34 38.28
N GLU B 3 -22.43 -4.67 39.56
CA GLU B 3 -21.13 -5.06 40.11
C GLU B 3 -20.72 -6.47 39.69
N ILE B 4 -20.82 -6.74 38.39
CA ILE B 4 -20.45 -8.02 37.81
C ILE B 4 -19.09 -7.81 37.13
N VAL B 5 -18.09 -8.62 37.49
CA VAL B 5 -16.80 -8.50 36.84
C VAL B 5 -16.53 -9.79 36.12
N VAL B 6 -16.06 -9.67 34.88
CA VAL B 6 -15.77 -10.86 34.08
C VAL B 6 -14.25 -11.05 34.06
N SER B 7 -13.80 -12.29 34.23
CA SER B 7 -12.38 -12.60 34.21
C SER B 7 -12.09 -13.64 33.16
N LYS B 8 -11.01 -13.46 32.39
CA LYS B 8 -10.65 -14.45 31.37
C LYS B 8 -9.20 -14.92 31.56
N PHE B 9 -8.97 -16.21 31.33
CA PHE B 9 -7.65 -16.80 31.47
C PHE B 9 -7.31 -17.57 30.22
N GLY B 10 -6.12 -17.34 29.69
CA GLY B 10 -5.71 -18.02 28.49
C GLY B 10 -5.15 -19.40 28.76
N GLY B 11 -4.86 -20.14 27.69
CA GLY B 11 -4.32 -21.47 27.80
C GLY B 11 -3.27 -21.73 28.87
N THR B 12 -2.32 -20.81 29.06
CA THR B 12 -1.27 -21.01 30.05
C THR B 12 -1.82 -21.06 31.45
N SER B 13 -2.76 -20.15 31.75
CA SER B 13 -3.37 -20.07 33.08
C SER B 13 -4.12 -21.34 33.47
N VAL B 14 -4.50 -22.15 32.49
CA VAL B 14 -5.22 -23.41 32.77
C VAL B 14 -4.50 -24.55 32.08
N ALA B 15 -3.20 -24.38 31.84
CA ALA B 15 -2.38 -25.37 31.17
C ALA B 15 -2.43 -26.75 31.83
N ASP B 16 -2.45 -26.74 33.16
CA ASP B 16 -2.49 -27.96 33.95
C ASP B 16 -3.13 -27.67 35.32
N PHE B 17 -3.10 -28.66 36.21
CA PHE B 17 -3.68 -28.51 37.55
C PHE B 17 -3.13 -27.34 38.38
N ASP B 18 -1.82 -27.36 38.66
CA ASP B 18 -1.23 -26.29 39.44
C ASP B 18 -1.62 -24.93 38.89
N ALA B 19 -1.47 -24.76 37.57
CA ALA B 19 -1.81 -23.50 36.93
C ALA B 19 -3.27 -23.12 37.25
N MET B 20 -4.20 -24.04 37.03
CA MET B 20 -5.61 -23.76 37.29
C MET B 20 -5.85 -23.26 38.70
N ASN B 21 -5.14 -23.84 39.66
CA ASN B 21 -5.32 -23.40 41.04
C ASN B 21 -4.82 -21.98 41.16
N ARG B 22 -3.65 -21.71 40.61
CA ARG B 22 -3.12 -20.36 40.68
C ARG B 22 -4.13 -19.37 40.09
N SER B 23 -4.82 -19.78 39.03
CA SER B 23 -5.85 -18.93 38.39
C SER B 23 -7.02 -18.75 39.35
N ALA B 24 -7.44 -19.85 39.97
CA ALA B 24 -8.54 -19.79 40.92
C ALA B 24 -8.17 -18.81 42.03
N ASP B 25 -6.93 -18.89 42.52
CA ASP B 25 -6.50 -18.00 43.58
C ASP B 25 -6.78 -16.56 43.19
N ILE B 26 -6.55 -16.23 41.93
CA ILE B 26 -6.78 -14.88 41.42
C ILE B 26 -8.27 -14.58 41.36
N VAL B 27 -9.05 -15.58 41.00
CA VAL B 27 -10.49 -15.42 40.88
C VAL B 27 -11.04 -15.09 42.26
N LEU B 28 -10.83 -15.99 43.20
CA LEU B 28 -11.34 -15.79 44.53
C LEU B 28 -10.71 -14.53 45.15
N SER B 29 -9.60 -14.08 44.57
CA SER B 29 -8.95 -12.87 45.06
C SER B 29 -9.96 -11.74 45.12
N ASP B 30 -10.71 -11.56 44.05
CA ASP B 30 -11.72 -10.50 43.99
C ASP B 30 -13.09 -11.15 44.15
N ALA B 31 -13.90 -10.61 45.05
CA ALA B 31 -15.21 -11.17 45.29
C ALA B 31 -16.23 -10.75 44.24
N ASN B 32 -15.85 -9.81 43.38
CA ASN B 32 -16.77 -9.33 42.35
C ASN B 32 -16.76 -10.14 41.06
N VAL B 33 -15.72 -10.93 40.85
CA VAL B 33 -15.64 -11.75 39.66
C VAL B 33 -16.68 -12.85 39.84
N ARG B 34 -17.66 -12.89 38.93
CA ARG B 34 -18.72 -13.89 39.01
C ARG B 34 -18.84 -14.68 37.70
N LEU B 35 -18.09 -14.25 36.69
CA LEU B 35 -18.09 -14.91 35.39
C LEU B 35 -16.64 -15.11 35.00
N VAL B 36 -16.30 -16.33 34.63
CA VAL B 36 -14.93 -16.63 34.23
C VAL B 36 -14.94 -17.28 32.86
N VAL B 37 -14.25 -16.65 31.91
CA VAL B 37 -14.15 -17.17 30.55
C VAL B 37 -12.80 -17.85 30.38
N LEU B 38 -12.81 -19.08 29.89
CA LEU B 38 -11.57 -19.80 29.74
C LEU B 38 -11.27 -20.23 28.30
N SER B 39 -9.98 -20.43 28.04
CA SER B 39 -9.52 -20.89 26.74
C SER B 39 -9.32 -22.37 26.99
N ALA B 40 -8.88 -23.13 25.98
CA ALA B 40 -8.62 -24.54 26.20
C ALA B 40 -7.25 -24.58 26.87
N SER B 41 -6.93 -25.66 27.57
CA SER B 41 -5.61 -25.74 28.20
C SER B 41 -4.54 -25.67 27.13
N ALA B 42 -3.41 -25.10 27.49
CA ALA B 42 -2.28 -24.92 26.60
C ALA B 42 -2.00 -26.12 25.68
N GLY B 43 -1.84 -25.84 24.38
CA GLY B 43 -1.54 -26.89 23.40
C GLY B 43 -2.72 -27.57 22.71
N ILE B 44 -3.75 -27.87 23.50
CA ILE B 44 -4.95 -28.55 23.04
C ILE B 44 -5.55 -28.02 21.73
N THR B 45 -5.90 -26.74 21.69
CA THR B 45 -6.50 -26.16 20.49
C THR B 45 -5.71 -26.51 19.22
N ASN B 46 -4.39 -26.50 19.31
CA ASN B 46 -3.53 -26.82 18.16
C ASN B 46 -3.67 -28.27 17.70
N LEU B 47 -3.65 -29.18 18.66
CA LEU B 47 -3.81 -30.60 18.38
C LEU B 47 -5.18 -30.82 17.71
N LEU B 48 -6.21 -30.15 18.26
CA LEU B 48 -7.56 -30.25 17.72
C LEU B 48 -7.59 -29.79 16.26
N VAL B 49 -6.97 -28.65 15.99
CA VAL B 49 -6.91 -28.11 14.64
C VAL B 49 -6.23 -29.12 13.71
N ALA B 50 -5.12 -29.68 14.19
CA ALA B 50 -4.37 -30.65 13.42
C ALA B 50 -5.30 -31.79 13.03
N LEU B 51 -6.02 -32.28 14.02
CA LEU B 51 -6.97 -33.37 13.81
C LEU B 51 -8.03 -32.96 12.79
N ALA B 52 -8.62 -31.78 12.98
CA ALA B 52 -9.67 -31.27 12.10
C ALA B 52 -9.26 -31.29 10.64
N GLU B 53 -7.95 -31.32 10.41
CA GLU B 53 -7.40 -31.34 9.07
C GLU B 53 -7.57 -32.72 8.45
N GLY B 54 -7.63 -33.72 9.31
CA GLY B 54 -7.79 -35.09 8.85
C GLY B 54 -6.41 -35.72 8.75
N LEU B 55 -6.06 -36.52 9.75
CA LEU B 55 -4.75 -37.17 9.75
C LEU B 55 -4.90 -38.68 9.64
N GLU B 56 -3.94 -39.31 8.99
CA GLU B 56 -3.95 -40.75 8.82
C GLU B 56 -4.02 -41.34 10.22
N PRO B 57 -4.62 -42.53 10.37
CA PRO B 57 -4.76 -43.19 11.67
C PRO B 57 -3.57 -43.00 12.61
N GLY B 58 -2.38 -43.35 12.13
CA GLY B 58 -1.18 -43.23 12.93
C GLY B 58 -0.95 -41.89 13.61
N GLU B 59 -0.78 -40.84 12.81
CA GLU B 59 -0.55 -39.53 13.37
C GLU B 59 -1.82 -39.04 14.08
N ARG B 60 -2.98 -39.41 13.54
CA ARG B 60 -4.27 -39.02 14.12
C ARG B 60 -4.35 -39.37 15.60
N PHE B 61 -3.75 -40.49 15.99
CA PHE B 61 -3.79 -40.92 17.39
C PHE B 61 -2.67 -40.36 18.24
N GLU B 62 -1.58 -39.96 17.61
CA GLU B 62 -0.50 -39.40 18.39
C GLU B 62 -0.96 -38.05 18.92
N LYS B 63 -1.78 -37.34 18.14
CA LYS B 63 -2.30 -36.05 18.57
C LYS B 63 -3.45 -36.33 19.54
N LEU B 64 -4.23 -37.35 19.23
CA LEU B 64 -5.35 -37.75 20.06
C LEU B 64 -4.80 -38.01 21.47
N ASP B 65 -3.86 -38.95 21.56
CA ASP B 65 -3.26 -39.30 22.84
C ASP B 65 -2.66 -38.10 23.54
N ALA B 66 -2.05 -37.21 22.79
CA ALA B 66 -1.45 -36.02 23.38
C ALA B 66 -2.55 -35.28 24.16
N ILE B 67 -3.67 -35.01 23.50
CA ILE B 67 -4.79 -34.32 24.12
C ILE B 67 -5.18 -35.00 25.41
N ARG B 68 -5.30 -36.32 25.34
CA ARG B 68 -5.68 -37.11 26.52
C ARG B 68 -4.70 -36.90 27.66
N ASN B 69 -3.41 -37.09 27.40
CA ASN B 69 -2.41 -36.93 28.43
C ASN B 69 -2.54 -35.61 29.17
N ILE B 70 -2.87 -34.54 28.45
CA ILE B 70 -3.03 -33.24 29.11
C ILE B 70 -4.24 -33.25 30.04
N GLN B 71 -5.35 -33.80 29.57
CA GLN B 71 -6.55 -33.83 30.40
C GLN B 71 -6.33 -34.63 31.68
N PHE B 72 -5.77 -35.84 31.56
CA PHE B 72 -5.56 -36.64 32.76
C PHE B 72 -4.51 -36.10 33.73
N ALA B 73 -3.55 -35.35 33.22
CA ALA B 73 -2.52 -34.77 34.09
C ALA B 73 -3.24 -33.93 35.13
N ILE B 74 -4.38 -33.38 34.74
CA ILE B 74 -5.17 -32.56 35.65
C ILE B 74 -6.13 -33.41 36.45
N LEU B 75 -6.73 -34.42 35.82
CA LEU B 75 -7.68 -35.30 36.50
C LEU B 75 -7.07 -36.02 37.70
N GLU B 76 -5.92 -36.64 37.47
CA GLU B 76 -5.21 -37.39 38.51
C GLU B 76 -4.88 -36.59 39.78
N ARG B 77 -4.79 -35.26 39.66
CA ARG B 77 -4.48 -34.44 40.82
C ARG B 77 -5.70 -34.12 41.67
N LEU B 78 -6.89 -34.43 41.14
CA LEU B 78 -8.13 -34.17 41.86
C LEU B 78 -8.31 -35.17 43.00
N ARG B 79 -9.08 -34.76 44.00
CA ARG B 79 -9.37 -35.57 45.20
C ARG B 79 -10.46 -36.61 44.96
N TYR B 80 -11.49 -36.24 44.20
CA TYR B 80 -12.60 -37.12 43.85
C TYR B 80 -12.76 -37.04 42.33
N PRO B 81 -11.80 -37.62 41.58
CA PRO B 81 -11.72 -37.69 40.11
C PRO B 81 -12.92 -38.27 39.41
N ASN B 82 -13.39 -39.41 39.89
CA ASN B 82 -14.53 -40.08 39.27
C ASN B 82 -15.80 -39.21 39.10
N VAL B 83 -15.80 -38.05 39.74
CA VAL B 83 -16.94 -37.15 39.64
C VAL B 83 -16.98 -36.51 38.25
N ILE B 84 -15.89 -36.61 37.50
CA ILE B 84 -15.83 -36.00 36.16
C ILE B 84 -15.03 -36.80 35.13
N ARG B 85 -14.43 -37.91 35.57
CA ARG B 85 -13.63 -38.75 34.68
C ARG B 85 -14.43 -39.20 33.45
N GLU B 86 -15.65 -39.69 33.67
CA GLU B 86 -16.49 -40.15 32.58
C GLU B 86 -16.87 -39.04 31.62
N GLU B 87 -16.99 -37.81 32.12
CA GLU B 87 -17.34 -36.72 31.22
C GLU B 87 -16.20 -36.48 30.25
N ILE B 88 -14.98 -36.43 30.78
CA ILE B 88 -13.80 -36.22 29.96
C ILE B 88 -13.69 -37.40 29.00
N GLU B 89 -13.69 -38.60 29.57
CA GLU B 89 -13.61 -39.83 28.80
C GLU B 89 -14.58 -39.74 27.62
N ARG B 90 -15.82 -39.37 27.95
CA ARG B 90 -16.89 -39.25 26.97
C ARG B 90 -16.49 -38.25 25.87
N LEU B 91 -16.11 -37.04 26.26
CA LEU B 91 -15.70 -36.03 25.29
C LEU B 91 -14.50 -36.51 24.44
N LEU B 92 -13.54 -37.17 25.08
CA LEU B 92 -12.35 -37.65 24.39
C LEU B 92 -12.73 -38.66 23.30
N GLU B 93 -13.69 -39.53 23.62
CA GLU B 93 -14.13 -40.50 22.65
C GLU B 93 -14.73 -39.76 21.48
N ASN B 94 -15.65 -38.84 21.78
CA ASN B 94 -16.32 -38.08 20.74
C ASN B 94 -15.28 -37.51 19.77
N ILE B 95 -14.22 -36.93 20.34
CA ILE B 95 -13.15 -36.34 19.55
C ILE B 95 -12.53 -37.36 18.62
N THR B 96 -12.25 -38.55 19.14
CA THR B 96 -11.65 -39.61 18.35
C THR B 96 -12.48 -39.95 17.11
N VAL B 97 -13.80 -39.99 17.24
CA VAL B 97 -14.61 -40.32 16.08
C VAL B 97 -14.71 -39.14 15.13
N LEU B 98 -14.95 -37.94 15.66
CA LEU B 98 -15.02 -36.76 14.80
C LEU B 98 -13.74 -36.70 14.01
N ALA B 99 -12.63 -36.99 14.70
CA ALA B 99 -11.30 -37.01 14.09
C ALA B 99 -11.26 -38.04 12.96
N GLU B 100 -11.76 -39.25 13.21
CA GLU B 100 -11.79 -40.24 12.13
C GLU B 100 -12.59 -39.64 10.97
N ALA B 101 -13.74 -39.05 11.29
CA ALA B 101 -14.60 -38.43 10.29
C ALA B 101 -13.79 -37.42 9.46
N ALA B 102 -13.13 -36.50 10.14
CA ALA B 102 -12.33 -35.48 9.48
C ALA B 102 -11.46 -36.12 8.39
N ALA B 103 -10.76 -37.19 8.74
CA ALA B 103 -9.91 -37.88 7.79
C ALA B 103 -10.66 -38.34 6.54
N LEU B 104 -11.99 -38.20 6.56
CA LEU B 104 -12.79 -38.61 5.43
C LEU B 104 -13.46 -37.40 4.78
N ALA B 105 -13.98 -36.50 5.62
CA ALA B 105 -14.65 -35.29 5.14
C ALA B 105 -14.32 -34.13 6.05
N THR B 106 -13.82 -33.03 5.48
CA THR B 106 -13.46 -31.84 6.24
C THR B 106 -14.21 -30.57 5.83
N SER B 107 -14.32 -29.64 6.77
CA SER B 107 -15.00 -28.38 6.52
C SER B 107 -14.85 -27.49 7.74
N PRO B 108 -14.96 -26.16 7.54
CA PRO B 108 -14.84 -25.26 8.68
C PRO B 108 -15.83 -25.66 9.75
N ALA B 109 -17.05 -25.96 9.33
CA ALA B 109 -18.12 -26.37 10.22
C ALA B 109 -17.70 -27.51 11.16
N LEU B 110 -17.14 -28.57 10.58
CA LEU B 110 -16.69 -29.72 11.35
C LEU B 110 -15.52 -29.35 12.22
N THR B 111 -14.68 -28.47 11.68
CA THR B 111 -13.50 -28.04 12.41
C THR B 111 -13.85 -27.30 13.69
N ASP B 112 -14.94 -26.53 13.67
CA ASP B 112 -15.37 -25.80 14.86
C ASP B 112 -15.89 -26.75 15.94
N GLU B 113 -16.73 -27.71 15.55
CA GLU B 113 -17.27 -28.65 16.52
C GLU B 113 -16.11 -29.39 17.17
N LEU B 114 -15.09 -29.67 16.38
CA LEU B 114 -13.92 -30.38 16.86
C LEU B 114 -13.14 -29.57 17.88
N VAL B 115 -12.57 -28.49 17.41
CA VAL B 115 -11.78 -27.64 18.26
C VAL B 115 -12.54 -27.21 19.54
N SER B 116 -13.82 -26.86 19.42
CA SER B 116 -14.59 -26.41 20.58
C SER B 116 -14.44 -27.31 21.80
N HIS B 117 -14.19 -28.60 21.58
CA HIS B 117 -14.03 -29.53 22.70
C HIS B 117 -12.93 -29.08 23.65
N GLY B 118 -11.94 -28.38 23.11
CA GLY B 118 -10.84 -27.90 23.92
C GLY B 118 -11.32 -27.07 25.10
N GLU B 119 -12.14 -26.06 24.79
CA GLU B 119 -12.69 -25.19 25.82
C GLU B 119 -13.69 -25.91 26.74
N LEU B 120 -14.41 -26.89 26.21
CA LEU B 120 -15.40 -27.63 26.99
C LEU B 120 -14.72 -28.37 28.13
N MET B 121 -13.62 -29.03 27.80
CA MET B 121 -12.88 -29.79 28.81
C MET B 121 -12.30 -28.93 29.91
N SER B 122 -11.48 -27.95 29.53
CA SER B 122 -10.86 -27.09 30.52
C SER B 122 -11.91 -26.48 31.45
N THR B 123 -13.01 -25.98 30.91
CA THR B 123 -14.04 -25.39 31.76
C THR B 123 -14.58 -26.43 32.76
N LEU B 124 -14.89 -27.63 32.29
CA LEU B 124 -15.39 -28.64 33.19
C LEU B 124 -14.37 -28.93 34.28
N LEU B 125 -13.11 -29.12 33.92
CA LEU B 125 -12.09 -29.37 34.94
C LEU B 125 -11.94 -28.21 35.90
N PHE B 126 -11.93 -26.98 35.39
CA PHE B 126 -11.76 -25.83 36.25
C PHE B 126 -12.84 -25.77 37.33
N VAL B 127 -14.05 -26.13 36.96
CA VAL B 127 -15.15 -26.13 37.91
C VAL B 127 -14.92 -27.12 39.06
N GLU B 128 -14.27 -28.25 38.78
CA GLU B 128 -14.00 -29.24 39.82
C GLU B 128 -12.88 -28.74 40.75
N ILE B 129 -11.93 -28.01 40.18
CA ILE B 129 -10.83 -27.47 40.95
C ILE B 129 -11.43 -26.56 42.01
N LEU B 130 -12.39 -25.73 41.62
CA LEU B 130 -13.04 -24.79 42.52
C LEU B 130 -13.90 -25.50 43.55
N ARG B 131 -14.72 -26.43 43.10
CA ARG B 131 -15.57 -27.15 44.03
C ARG B 131 -14.71 -27.94 45.01
N GLU B 132 -13.54 -28.40 44.56
CA GLU B 132 -12.62 -29.16 45.41
C GLU B 132 -12.07 -28.22 46.49
N ARG B 133 -12.41 -26.94 46.38
CA ARG B 133 -11.98 -25.91 47.31
C ARG B 133 -13.15 -25.40 48.12
N ASP B 134 -14.22 -26.17 48.16
CA ASP B 134 -15.42 -25.76 48.88
C ASP B 134 -15.84 -24.38 48.41
N VAL B 135 -15.77 -24.20 47.10
CA VAL B 135 -16.15 -22.95 46.47
C VAL B 135 -17.29 -23.29 45.53
N GLN B 136 -18.43 -22.64 45.73
CA GLN B 136 -19.59 -22.88 44.88
C GLN B 136 -19.37 -22.27 43.51
N ALA B 137 -19.36 -23.11 42.48
CA ALA B 137 -19.18 -22.64 41.11
C ALA B 137 -19.87 -23.60 40.16
N GLN B 138 -20.63 -23.06 39.21
CA GLN B 138 -21.36 -23.87 38.25
C GLN B 138 -20.78 -23.80 36.84
N TRP B 139 -21.06 -24.82 36.04
CA TRP B 139 -20.58 -24.91 34.65
C TRP B 139 -21.70 -24.37 33.78
N PHE B 140 -21.34 -23.75 32.67
CA PHE B 140 -22.35 -23.19 31.77
C PHE B 140 -21.86 -23.25 30.34
N ASP B 141 -22.76 -23.55 29.41
CA ASP B 141 -22.37 -23.65 28.01
C ASP B 141 -22.63 -22.32 27.32
N VAL B 142 -21.57 -21.58 27.04
CA VAL B 142 -21.65 -20.28 26.39
C VAL B 142 -22.59 -20.32 25.21
N ARG B 143 -22.56 -21.45 24.50
CA ARG B 143 -23.37 -21.57 23.31
C ARG B 143 -24.87 -21.42 23.53
N LYS B 144 -25.31 -21.39 24.79
CA LYS B 144 -26.71 -21.19 25.06
C LYS B 144 -26.97 -19.68 24.92
N VAL B 145 -25.90 -18.90 24.82
CA VAL B 145 -26.03 -17.46 24.72
C VAL B 145 -25.22 -16.81 23.61
N MET B 146 -24.10 -17.42 23.23
CA MET B 146 -23.23 -16.87 22.17
C MET B 146 -23.74 -17.20 20.76
N ARG B 147 -24.80 -16.49 20.33
CA ARG B 147 -25.38 -16.71 19.04
C ARG B 147 -24.59 -16.02 17.95
N THR B 148 -24.19 -16.77 16.92
CA THR B 148 -23.45 -16.17 15.81
C THR B 148 -24.01 -16.63 14.47
N ASN B 149 -23.41 -16.13 13.39
CA ASN B 149 -23.85 -16.50 12.07
C ASN B 149 -23.18 -17.83 11.71
N ASP B 150 -23.34 -18.24 10.46
CA ASP B 150 -22.79 -19.49 9.95
C ASP B 150 -21.43 -19.37 9.30
N ARG B 151 -20.70 -18.31 9.63
CA ARG B 151 -19.37 -18.10 9.06
C ARG B 151 -18.39 -18.95 9.86
N PHE B 152 -18.47 -20.27 9.70
CA PHE B 152 -17.59 -21.15 10.46
C PHE B 152 -16.13 -20.75 10.38
N GLY B 153 -15.48 -20.67 11.54
CA GLY B 153 -14.08 -20.27 11.61
C GLY B 153 -13.96 -18.83 12.08
N ARG B 154 -14.92 -18.00 11.68
CA ARG B 154 -14.91 -16.59 12.06
C ARG B 154 -16.35 -16.08 12.27
N ALA B 155 -17.13 -16.82 13.05
CA ALA B 155 -18.51 -16.45 13.29
C ALA B 155 -18.67 -15.05 13.86
N GLU B 156 -19.67 -14.33 13.35
CA GLU B 156 -19.97 -12.98 13.78
C GLU B 156 -21.03 -12.99 14.86
N PRO B 157 -20.68 -12.54 16.06
CA PRO B 157 -21.68 -12.54 17.14
C PRO B 157 -22.85 -11.58 16.90
N ASP B 158 -24.06 -12.07 17.20
CA ASP B 158 -25.26 -11.27 17.07
C ASP B 158 -25.43 -10.67 18.46
N ILE B 159 -24.99 -9.43 18.64
CA ILE B 159 -25.07 -8.78 19.93
C ILE B 159 -26.47 -8.77 20.51
N ALA B 160 -27.46 -8.35 19.72
CA ALA B 160 -28.85 -8.32 20.17
C ALA B 160 -29.22 -9.67 20.80
N ALA B 161 -29.08 -10.72 19.99
CA ALA B 161 -29.37 -12.07 20.43
C ALA B 161 -28.66 -12.35 21.75
N LEU B 162 -27.35 -12.21 21.74
CA LEU B 162 -26.53 -12.45 22.91
C LEU B 162 -27.05 -11.72 24.14
N ALA B 163 -27.31 -10.43 23.98
CA ALA B 163 -27.82 -9.61 25.08
C ALA B 163 -29.11 -10.20 25.66
N GLU B 164 -29.96 -10.67 24.76
CA GLU B 164 -31.24 -11.28 25.08
C GLU B 164 -31.03 -12.61 25.79
N LEU B 165 -30.44 -13.56 25.07
CA LEU B 165 -30.17 -14.89 25.61
C LEU B 165 -29.39 -14.83 26.90
N ALA B 166 -28.51 -13.84 27.03
CA ALA B 166 -27.69 -13.69 28.22
C ALA B 166 -28.60 -13.46 29.41
N ALA B 167 -29.60 -12.61 29.21
CA ALA B 167 -30.55 -12.28 30.25
C ALA B 167 -31.42 -13.48 30.63
N LEU B 168 -31.85 -14.23 29.62
CA LEU B 168 -32.70 -15.40 29.81
C LEU B 168 -32.04 -16.62 30.42
N GLN B 169 -30.75 -16.83 30.16
CA GLN B 169 -30.08 -18.01 30.70
C GLN B 169 -28.82 -17.77 31.52
N LEU B 170 -28.06 -16.73 31.19
CA LEU B 170 -26.83 -16.46 31.91
C LEU B 170 -27.04 -15.68 33.20
N LEU B 171 -27.69 -14.52 33.10
CA LEU B 171 -27.92 -13.71 34.29
C LEU B 171 -28.45 -14.56 35.45
N PRO B 172 -29.53 -15.31 35.20
CA PRO B 172 -30.14 -16.18 36.21
C PRO B 172 -29.13 -17.04 36.97
N ARG B 173 -28.21 -17.65 36.24
CA ARG B 173 -27.19 -18.51 36.83
C ARG B 173 -26.19 -17.69 37.67
N LEU B 174 -25.82 -16.52 37.15
CA LEU B 174 -24.88 -15.64 37.82
C LEU B 174 -25.42 -15.27 39.19
N ASN B 175 -26.74 -15.14 39.28
CA ASN B 175 -27.38 -14.81 40.54
C ASN B 175 -27.17 -15.89 41.59
N GLU B 176 -27.18 -17.14 41.14
CA GLU B 176 -26.98 -18.29 42.03
C GLU B 176 -25.56 -18.30 42.56
N GLY B 177 -24.66 -17.64 41.84
CA GLY B 177 -23.28 -17.59 42.27
C GLY B 177 -22.31 -17.53 41.11
N LEU B 178 -21.08 -17.98 41.36
CA LEU B 178 -20.01 -17.99 40.37
C LEU B 178 -20.33 -18.89 39.17
N VAL B 179 -20.01 -18.41 37.97
CA VAL B 179 -20.24 -19.17 36.74
C VAL B 179 -18.94 -19.30 35.94
N ILE B 180 -18.62 -20.52 35.53
CA ILE B 180 -17.42 -20.81 34.75
C ILE B 180 -17.86 -21.22 33.34
N THR B 181 -17.49 -20.45 32.32
CA THR B 181 -17.88 -20.81 30.96
C THR B 181 -16.75 -20.74 29.92
N GLN B 182 -17.02 -21.23 28.71
CA GLN B 182 -16.04 -21.27 27.63
C GLN B 182 -15.96 -19.96 26.86
N GLY B 183 -14.85 -19.78 26.15
CA GLY B 183 -14.68 -18.59 25.33
C GLY B 183 -14.33 -19.12 23.96
N PHE B 184 -14.24 -18.25 22.96
CA PHE B 184 -13.84 -18.69 21.63
C PHE B 184 -14.88 -19.50 20.84
N ILE B 185 -15.85 -20.09 21.52
CA ILE B 185 -16.84 -20.87 20.82
C ILE B 185 -18.24 -20.24 20.89
N GLY B 186 -19.09 -20.63 19.94
CA GLY B 186 -20.45 -20.15 19.87
C GLY B 186 -21.29 -21.14 19.08
N SER B 187 -22.55 -20.81 18.83
CA SER B 187 -23.42 -21.68 18.07
C SER B 187 -24.26 -20.81 17.15
N GLU B 188 -24.58 -21.35 15.98
CA GLU B 188 -25.37 -20.64 15.00
C GLU B 188 -26.85 -20.99 15.17
N ASN B 189 -27.71 -20.21 14.52
CA ASN B 189 -29.16 -20.40 14.58
C ASN B 189 -29.58 -21.85 14.39
N LYS B 190 -28.96 -22.52 13.41
CA LYS B 190 -29.27 -23.91 13.12
C LYS B 190 -28.64 -24.92 14.09
N GLY B 191 -28.11 -24.42 15.20
CA GLY B 191 -27.54 -25.31 16.20
C GLY B 191 -26.10 -25.74 16.07
N ARG B 192 -25.51 -25.63 14.89
CA ARG B 192 -24.11 -26.04 14.72
C ARG B 192 -23.14 -25.24 15.59
N THR B 193 -22.08 -25.89 16.04
CA THR B 193 -21.06 -25.24 16.85
C THR B 193 -20.29 -24.30 15.96
N THR B 194 -19.75 -23.23 16.53
CA THR B 194 -19.01 -22.27 15.74
C THR B 194 -17.94 -21.59 16.60
N THR B 195 -16.91 -21.02 15.99
CA THR B 195 -15.84 -20.33 16.73
C THR B 195 -15.70 -18.88 16.29
N LEU B 196 -15.00 -18.09 17.11
CA LEU B 196 -14.83 -16.66 16.82
C LEU B 196 -13.50 -16.20 16.21
N GLY B 197 -12.64 -17.13 15.82
CA GLY B 197 -11.36 -16.74 15.25
C GLY B 197 -10.37 -16.38 16.35
N ARG B 198 -9.12 -16.12 15.98
CA ARG B 198 -8.11 -15.79 16.99
C ARG B 198 -8.49 -14.63 17.89
N GLY B 199 -8.24 -14.84 19.18
CA GLY B 199 -8.57 -13.83 20.17
C GLY B 199 -9.92 -14.16 20.77
N GLY B 200 -10.61 -15.11 20.16
CA GLY B 200 -11.93 -15.52 20.62
C GLY B 200 -12.20 -15.41 22.10
N SER B 201 -11.35 -16.02 22.93
CA SER B 201 -11.53 -16.00 24.37
C SER B 201 -11.60 -14.58 24.93
N ASP B 202 -10.68 -13.74 24.48
CA ASP B 202 -10.64 -12.36 24.92
C ASP B 202 -11.92 -11.69 24.40
N TYR B 203 -12.25 -12.01 23.16
CA TYR B 203 -13.40 -11.48 22.48
C TYR B 203 -14.67 -11.83 23.25
N THR B 204 -14.75 -13.06 23.73
CA THR B 204 -15.91 -13.52 24.49
C THR B 204 -16.01 -12.68 25.77
N ALA B 205 -14.92 -12.65 26.53
CA ALA B 205 -14.87 -11.91 27.77
C ALA B 205 -15.49 -10.54 27.59
N ALA B 206 -15.23 -9.93 26.45
CA ALA B 206 -15.76 -8.61 26.17
C ALA B 206 -17.25 -8.64 25.84
N LEU B 207 -17.64 -9.50 24.90
CA LEU B 207 -19.04 -9.59 24.50
C LEU B 207 -19.96 -9.97 25.67
N LEU B 208 -19.54 -10.93 26.49
CA LEU B 208 -20.34 -11.32 27.64
C LEU B 208 -20.47 -10.14 28.58
N ALA B 209 -19.36 -9.42 28.76
CA ALA B 209 -19.30 -8.25 29.63
C ALA B 209 -20.24 -7.17 29.11
N GLU B 210 -20.25 -7.00 27.80
CA GLU B 210 -21.11 -6.01 27.15
C GLU B 210 -22.57 -6.37 27.33
N ALA B 211 -22.87 -7.66 27.25
CA ALA B 211 -24.22 -8.16 27.36
C ALA B 211 -24.78 -8.19 28.78
N LEU B 212 -23.89 -8.14 29.76
CA LEU B 212 -24.31 -8.19 31.16
C LEU B 212 -24.06 -6.87 31.88
N HIS B 213 -23.73 -5.83 31.13
CA HIS B 213 -23.45 -4.52 31.72
C HIS B 213 -22.46 -4.71 32.87
N ALA B 214 -21.38 -5.45 32.59
CA ALA B 214 -20.34 -5.70 33.58
C ALA B 214 -19.67 -4.39 33.93
N SER B 215 -19.20 -4.27 35.16
CA SER B 215 -18.54 -3.04 35.58
C SER B 215 -17.08 -3.06 35.13
N ARG B 216 -16.54 -4.25 34.90
CA ARG B 216 -15.16 -4.35 34.49
C ARG B 216 -14.85 -5.73 33.92
N VAL B 217 -13.78 -5.79 33.13
CA VAL B 217 -13.33 -7.04 32.52
C VAL B 217 -11.85 -7.22 32.76
N ASP B 218 -11.47 -8.33 33.37
CA ASP B 218 -10.06 -8.58 33.63
C ASP B 218 -9.50 -9.61 32.66
N ILE B 219 -8.46 -9.24 31.93
CA ILE B 219 -7.83 -10.18 31.02
C ILE B 219 -6.42 -10.45 31.55
N TRP B 220 -6.21 -11.67 32.06
CA TRP B 220 -4.91 -12.05 32.61
C TRP B 220 -4.00 -12.67 31.57
N THR B 221 -2.91 -11.96 31.29
CA THR B 221 -1.93 -12.39 30.30
C THR B 221 -0.57 -12.64 30.91
N ASP B 222 0.47 -12.55 30.09
CA ASP B 222 1.84 -12.81 30.54
C ASP B 222 2.63 -11.55 30.83
N VAL B 223 1.95 -10.41 30.88
CA VAL B 223 2.61 -9.14 31.13
C VAL B 223 1.86 -8.34 32.19
N PRO B 224 2.60 -7.76 33.15
CA PRO B 224 2.01 -6.97 34.23
C PRO B 224 1.36 -5.65 33.78
N GLY B 225 1.19 -5.49 32.47
CA GLY B 225 0.60 -4.28 31.95
C GLY B 225 1.54 -3.55 31.02
N ILE B 226 1.12 -2.37 30.60
CA ILE B 226 1.90 -1.55 29.68
C ILE B 226 2.73 -0.53 30.42
N TYR B 227 3.99 -0.39 30.01
CA TYR B 227 4.90 0.59 30.60
C TYR B 227 5.26 1.64 29.56
N THR B 228 5.72 2.79 30.03
CA THR B 228 6.13 3.89 29.16
C THR B 228 7.12 3.42 28.10
N THR B 229 7.88 2.40 28.45
CA THR B 229 8.87 1.83 27.54
C THR B 229 9.25 0.47 28.09
N ASP B 230 10.01 -0.30 27.32
CA ASP B 230 10.43 -1.61 27.80
C ASP B 230 11.39 -1.43 28.96
N PRO B 231 11.00 -1.94 30.14
CA PRO B 231 11.78 -1.87 31.38
C PRO B 231 13.21 -2.37 31.20
N ARG B 232 13.39 -3.30 30.27
CA ARG B 232 14.71 -3.85 30.01
C ARG B 232 15.61 -2.88 29.24
N VAL B 233 15.05 -1.79 28.77
CA VAL B 233 15.80 -0.78 28.02
C VAL B 233 16.02 0.47 28.89
N VAL B 234 14.96 0.92 29.55
CA VAL B 234 15.03 2.09 30.42
C VAL B 234 14.35 1.79 31.77
N SER B 235 15.14 1.28 32.70
CA SER B 235 14.66 0.93 34.03
C SER B 235 13.72 1.95 34.64
N ALA B 236 13.93 3.23 34.32
CA ALA B 236 13.08 4.27 34.86
C ALA B 236 11.65 4.17 34.31
N ALA B 237 11.44 3.22 33.41
CA ALA B 237 10.13 3.01 32.81
C ALA B 237 9.02 2.95 33.85
N LYS B 238 8.07 3.87 33.78
CA LYS B 238 6.95 3.90 34.73
C LYS B 238 5.80 3.05 34.20
N ARG B 239 4.90 2.62 35.08
CA ARG B 239 3.77 1.82 34.64
C ARG B 239 2.61 2.74 34.28
N ILE B 240 1.95 2.44 33.16
CA ILE B 240 0.83 3.23 32.70
C ILE B 240 -0.45 2.69 33.32
N ASP B 241 -1.13 3.52 34.10
CA ASP B 241 -2.36 3.10 34.76
C ASP B 241 -3.53 2.98 33.81
N GLU B 242 -3.86 4.09 33.15
CA GLU B 242 -4.98 4.10 32.21
C GLU B 242 -4.50 4.49 30.82
N ILE B 243 -4.90 3.70 29.83
CA ILE B 243 -4.53 4.00 28.45
C ILE B 243 -5.85 4.03 27.67
N ALA B 244 -5.93 4.92 26.69
CA ALA B 244 -7.13 5.03 25.87
C ALA B 244 -7.10 3.89 24.87
N PHE B 245 -8.27 3.38 24.49
CA PHE B 245 -8.30 2.28 23.56
C PHE B 245 -7.58 2.68 22.28
N ALA B 246 -7.92 3.85 21.74
CA ALA B 246 -7.32 4.35 20.51
C ALA B 246 -5.79 4.31 20.55
N GLU B 247 -5.23 4.53 21.73
CA GLU B 247 -3.78 4.53 21.93
C GLU B 247 -3.29 3.10 21.96
N ALA B 248 -3.93 2.31 22.81
CA ALA B 248 -3.58 0.92 22.97
C ALA B 248 -3.47 0.23 21.62
N ALA B 249 -4.45 0.44 20.75
CA ALA B 249 -4.48 -0.17 19.43
C ALA B 249 -3.23 0.16 18.63
N GLU B 250 -2.74 1.37 18.80
CA GLU B 250 -1.55 1.79 18.07
C GLU B 250 -0.24 1.40 18.77
N MET B 251 -0.30 0.63 19.85
CA MET B 251 0.93 0.22 20.52
C MET B 251 1.49 -1.06 19.92
N ALA B 252 2.56 -0.90 19.16
CA ALA B 252 3.24 -2.04 18.52
C ALA B 252 3.35 -3.28 19.39
N THR B 253 3.83 -3.09 20.61
CA THR B 253 4.01 -4.19 21.54
C THR B 253 2.74 -4.64 22.26
N PHE B 254 1.64 -3.89 22.16
CA PHE B 254 0.43 -4.31 22.83
C PHE B 254 -0.14 -5.47 22.06
N GLY B 255 -0.19 -5.31 20.75
CA GLY B 255 -0.73 -6.38 19.92
C GLY B 255 0.17 -7.60 19.95
N ALA B 256 1.47 -7.36 19.88
CA ALA B 256 2.45 -8.42 19.89
C ALA B 256 2.26 -9.25 21.16
N LYS B 257 2.77 -8.74 22.28
CA LYS B 257 2.65 -9.44 23.55
C LYS B 257 1.20 -9.60 23.99
N VAL B 258 0.75 -8.65 24.83
CA VAL B 258 -0.60 -8.61 25.39
C VAL B 258 -1.74 -9.30 24.62
N LEU B 259 -2.47 -8.54 23.79
CA LEU B 259 -3.60 -9.10 23.03
C LEU B 259 -4.05 -8.20 21.89
N HIS B 260 -4.93 -8.72 21.04
CA HIS B 260 -5.39 -7.95 19.89
C HIS B 260 -6.56 -7.00 20.19
N PRO B 261 -6.37 -5.72 19.87
CA PRO B 261 -7.34 -4.64 20.07
C PRO B 261 -8.76 -4.90 19.60
N ALA B 262 -8.91 -5.60 18.48
CA ALA B 262 -10.21 -5.89 17.92
C ALA B 262 -11.12 -6.57 18.95
N THR B 263 -10.53 -7.49 19.70
CA THR B 263 -11.23 -8.27 20.71
C THR B 263 -11.91 -7.48 21.82
N LEU B 264 -11.39 -6.31 22.16
CA LEU B 264 -11.93 -5.51 23.25
C LEU B 264 -13.03 -4.55 22.85
N LEU B 265 -13.23 -4.43 21.55
CA LEU B 265 -14.24 -3.52 20.99
C LEU B 265 -15.61 -3.51 21.69
N PRO B 266 -16.17 -4.69 21.98
CA PRO B 266 -17.48 -4.75 22.63
C PRO B 266 -17.45 -4.03 23.97
N ALA B 267 -16.35 -4.20 24.68
CA ALA B 267 -16.17 -3.60 25.99
C ALA B 267 -16.07 -2.09 25.88
N VAL B 268 -15.11 -1.63 25.08
CA VAL B 268 -14.90 -0.20 24.93
C VAL B 268 -16.14 0.53 24.44
N ARG B 269 -16.78 0.01 23.39
CA ARG B 269 -17.97 0.68 22.87
C ARG B 269 -19.09 0.78 23.89
N SER B 270 -19.01 -0.04 24.93
CA SER B 270 -20.01 -0.03 25.98
C SER B 270 -19.46 0.58 27.29
N ASP B 271 -18.33 1.25 27.18
CA ASP B 271 -17.65 1.87 28.32
C ASP B 271 -17.48 0.94 29.53
N ILE B 272 -16.83 -0.20 29.29
CA ILE B 272 -16.55 -1.18 30.33
C ILE B 272 -15.01 -1.31 30.36
N PRO B 273 -14.36 -0.76 31.39
CA PRO B 273 -12.90 -0.81 31.52
C PRO B 273 -12.31 -2.22 31.42
N VAL B 274 -11.27 -2.35 30.63
CA VAL B 274 -10.60 -3.63 30.44
C VAL B 274 -9.26 -3.63 31.13
N PHE B 275 -9.19 -4.29 32.27
CA PHE B 275 -7.96 -4.37 33.05
C PHE B 275 -7.04 -5.46 32.47
N VAL B 276 -5.83 -5.07 32.06
CA VAL B 276 -4.91 -6.07 31.54
C VAL B 276 -3.79 -6.27 32.54
N GLY B 277 -3.75 -7.46 33.13
CA GLY B 277 -2.72 -7.77 34.09
C GLY B 277 -1.99 -9.06 33.76
N SER B 278 -1.10 -9.47 34.67
CA SER B 278 -0.31 -10.68 34.52
C SER B 278 -0.77 -11.75 35.49
N SER B 279 -1.05 -12.95 34.97
CA SER B 279 -1.47 -14.05 35.82
C SER B 279 -0.24 -14.57 36.57
N LYS B 280 0.93 -14.44 35.98
CA LYS B 280 2.14 -14.91 36.63
C LYS B 280 2.62 -13.94 37.73
N ASP B 281 1.77 -13.00 38.09
CA ASP B 281 2.08 -12.03 39.15
C ASP B 281 1.01 -10.95 39.25
N PRO B 282 -0.09 -11.26 39.93
CA PRO B 282 -1.22 -10.35 40.12
C PRO B 282 -0.86 -9.13 40.95
N ARG B 283 0.12 -9.28 41.84
CA ARG B 283 0.54 -8.17 42.70
C ARG B 283 0.94 -6.93 41.90
N ALA B 284 1.79 -7.13 40.89
CA ALA B 284 2.32 -6.06 40.07
C ALA B 284 1.32 -5.08 39.47
N GLY B 285 0.03 -5.35 39.63
CA GLY B 285 -0.98 -4.46 39.06
C GLY B 285 -1.01 -4.56 37.54
N GLY B 286 -1.87 -3.77 36.91
CA GLY B 286 -1.95 -3.83 35.46
C GLY B 286 -2.27 -2.49 34.84
N THR B 287 -2.94 -2.52 33.69
CA THR B 287 -3.32 -1.30 32.97
C THR B 287 -4.80 -1.35 32.60
N LEU B 288 -5.45 -0.20 32.62
CA LEU B 288 -6.87 -0.12 32.25
C LEU B 288 -7.04 0.45 30.85
N VAL B 289 -7.62 -0.35 29.96
CA VAL B 289 -7.85 0.12 28.61
C VAL B 289 -9.26 0.69 28.62
N CYS B 290 -9.34 2.01 28.54
CA CYS B 290 -10.61 2.71 28.59
C CYS B 290 -10.98 3.35 27.26
N ASN B 291 -12.26 3.65 27.08
CA ASN B 291 -12.72 4.27 25.85
C ASN B 291 -12.00 5.60 25.71
N LYS B 292 -12.05 6.39 26.78
CA LYS B 292 -11.40 7.69 26.81
C LYS B 292 -10.80 7.95 28.20
N THR B 293 -9.75 8.77 28.27
CA THR B 293 -9.14 9.08 29.57
C THR B 293 -9.05 10.57 29.79
N GLU B 294 -8.63 10.97 31.00
CA GLU B 294 -8.51 12.38 31.36
C GLU B 294 -7.16 12.99 31.09
N ASN B 295 -7.17 14.13 30.41
CA ASN B 295 -5.96 14.85 30.06
C ASN B 295 -5.01 13.95 29.32
N PRO B 296 -5.48 13.34 28.22
CA PRO B 296 -4.59 12.45 27.46
C PRO B 296 -3.33 13.23 27.12
N PRO B 297 -2.17 12.67 27.48
CA PRO B 297 -0.85 13.27 27.24
C PRO B 297 -0.42 13.31 25.77
N LEU B 298 0.35 14.34 25.41
CA LEU B 298 0.84 14.48 24.04
C LEU B 298 1.54 13.19 23.69
N PHE B 299 2.28 12.68 24.67
CA PHE B 299 3.01 11.42 24.52
C PHE B 299 2.63 10.48 25.66
N ARG B 300 2.19 9.28 25.31
CA ARG B 300 1.79 8.30 26.30
C ARG B 300 2.85 7.24 26.53
N ALA B 301 3.59 6.92 25.48
CA ALA B 301 4.64 5.92 25.60
C ALA B 301 5.36 5.66 24.28
N LEU B 302 6.51 4.99 24.36
CA LEU B 302 7.24 4.68 23.15
C LEU B 302 7.48 3.18 23.08
N ALA B 303 7.32 2.64 21.87
CA ALA B 303 7.47 1.22 21.64
C ALA B 303 8.71 0.91 20.81
N LEU B 304 9.26 -0.26 21.06
CA LEU B 304 10.42 -0.72 20.34
C LEU B 304 10.26 -2.15 19.84
N ARG B 305 10.36 -2.31 18.53
CA ARG B 305 10.26 -3.61 17.87
C ARG B 305 11.58 -3.72 17.11
N ARG B 306 12.52 -4.50 17.64
CA ARG B 306 13.83 -4.64 16.98
C ARG B 306 13.85 -5.65 15.84
N ASN B 307 14.96 -5.65 15.13
CA ASN B 307 15.15 -6.56 14.01
C ASN B 307 13.98 -6.63 13.03
N GLN B 308 13.74 -5.54 12.32
CA GLN B 308 12.68 -5.51 11.32
C GLN B 308 13.39 -5.52 9.98
N THR B 309 12.75 -6.14 9.00
CA THR B 309 13.31 -6.22 7.65
C THR B 309 12.64 -5.21 6.72
N LEU B 310 13.45 -4.35 6.11
CA LEU B 310 12.93 -3.34 5.20
C LEU B 310 13.07 -3.80 3.76
N LEU B 311 11.93 -3.91 3.10
CA LEU B 311 11.85 -4.32 1.72
C LEU B 311 11.61 -3.08 0.88
N THR B 312 12.54 -2.76 -0.02
CA THR B 312 12.36 -1.59 -0.88
C THR B 312 12.14 -2.02 -2.32
N LEU B 313 11.01 -1.58 -2.88
CA LEU B 313 10.64 -1.91 -4.25
C LEU B 313 10.73 -0.72 -5.17
N HIS B 314 11.65 -0.77 -6.13
CA HIS B 314 11.83 0.32 -7.09
C HIS B 314 11.47 -0.11 -8.50
N SER B 315 10.81 0.78 -9.23
CA SER B 315 10.44 0.52 -10.61
C SER B 315 9.81 1.73 -11.28
N LEU B 316 10.48 2.26 -12.30
CA LEU B 316 9.97 3.43 -13.00
C LEU B 316 8.56 3.21 -13.51
N ASN B 317 8.15 1.95 -13.61
CA ASN B 317 6.82 1.68 -14.14
C ASN B 317 5.64 1.84 -13.20
N MET B 318 5.88 2.06 -11.92
CA MET B 318 4.74 2.25 -11.03
C MET B 318 4.23 3.67 -11.18
N LEU B 319 5.09 4.55 -11.70
CA LEU B 319 4.73 5.95 -11.88
C LEU B 319 3.52 6.09 -12.80
N HIS B 320 2.42 6.55 -12.22
CA HIS B 320 1.14 6.76 -12.90
C HIS B 320 0.44 5.47 -13.34
N SER B 321 0.99 4.33 -12.92
CA SER B 321 0.40 3.06 -13.27
C SER B 321 -0.69 2.73 -12.25
N ARG B 322 -1.65 1.91 -12.64
CA ARG B 322 -2.71 1.48 -11.73
C ARG B 322 -2.50 0.01 -11.42
N GLY B 323 -2.72 -0.38 -10.17
CA GLY B 323 -2.57 -1.78 -9.78
C GLY B 323 -1.16 -2.30 -9.54
N PHE B 324 -0.16 -1.44 -9.59
CA PHE B 324 1.19 -1.92 -9.33
C PHE B 324 1.24 -2.50 -7.91
N LEU B 325 0.73 -1.72 -6.96
CA LEU B 325 0.70 -2.12 -5.55
C LEU B 325 -0.28 -3.26 -5.35
N ALA B 326 -1.41 -3.18 -6.05
CA ALA B 326 -2.43 -4.21 -5.95
C ALA B 326 -1.82 -5.57 -6.20
N GLU B 327 -0.89 -5.63 -7.17
CA GLU B 327 -0.23 -6.88 -7.55
C GLU B 327 0.85 -7.27 -6.56
N VAL B 328 1.66 -6.29 -6.17
CA VAL B 328 2.74 -6.49 -5.22
C VAL B 328 2.18 -7.06 -3.91
N PHE B 329 1.14 -6.41 -3.39
CA PHE B 329 0.52 -6.85 -2.15
C PHE B 329 -0.17 -8.19 -2.35
N GLY B 330 -0.62 -8.43 -3.57
CA GLY B 330 -1.28 -9.69 -3.87
C GLY B 330 -0.24 -10.77 -3.66
N ILE B 331 0.87 -10.62 -4.38
CA ILE B 331 1.99 -11.54 -4.28
C ILE B 331 2.39 -11.73 -2.81
N LEU B 332 2.58 -10.64 -2.08
CA LEU B 332 2.97 -10.72 -0.68
C LEU B 332 1.99 -11.55 0.15
N ALA B 333 0.70 -11.34 -0.08
CA ALA B 333 -0.33 -12.09 0.64
C ALA B 333 -0.16 -13.57 0.35
N ARG B 334 -0.19 -13.91 -0.93
CA ARG B 334 -0.03 -15.29 -1.37
C ARG B 334 1.14 -16.00 -0.68
N HIS B 335 2.21 -15.24 -0.42
CA HIS B 335 3.38 -15.84 0.21
C HIS B 335 3.36 -15.76 1.73
N ASN B 336 2.13 -15.60 2.25
CA ASN B 336 1.86 -15.52 3.68
C ASN B 336 2.70 -14.51 4.41
N ILE B 337 2.61 -13.26 3.95
CA ILE B 337 3.36 -12.17 4.56
C ILE B 337 2.42 -11.04 4.90
N SER B 338 2.57 -10.48 6.10
CA SER B 338 1.74 -9.37 6.50
C SER B 338 2.66 -8.16 6.47
N VAL B 339 2.19 -7.11 5.80
CA VAL B 339 2.96 -5.87 5.68
C VAL B 339 2.62 -4.97 6.85
N ASP B 340 3.64 -4.39 7.49
CA ASP B 340 3.40 -3.48 8.61
C ASP B 340 3.52 -2.05 8.14
N LEU B 341 4.74 -1.52 8.10
CA LEU B 341 4.97 -0.15 7.67
C LEU B 341 5.14 -0.02 6.15
N ILE B 342 4.65 1.09 5.61
CA ILE B 342 4.76 1.38 4.18
C ILE B 342 5.01 2.86 3.95
N THR B 343 6.02 3.17 3.12
CA THR B 343 6.30 4.56 2.79
C THR B 343 6.58 4.57 1.29
N THR B 344 6.31 5.70 0.66
CA THR B 344 6.47 5.82 -0.78
C THR B 344 7.23 7.05 -1.25
N SER B 345 7.81 6.91 -2.43
CA SER B 345 8.51 8.01 -3.10
C SER B 345 7.79 7.97 -4.46
N GLU B 346 8.26 8.73 -5.44
CA GLU B 346 7.55 8.69 -6.70
C GLU B 346 7.69 7.41 -7.48
N VAL B 347 8.88 6.83 -7.50
CA VAL B 347 9.08 5.59 -8.23
C VAL B 347 9.62 4.42 -7.42
N SER B 348 9.36 4.45 -6.11
CA SER B 348 9.80 3.36 -5.26
C SER B 348 8.92 3.30 -4.02
N VAL B 349 8.79 2.11 -3.45
CA VAL B 349 7.98 1.91 -2.25
C VAL B 349 8.77 1.00 -1.30
N ALA B 350 8.77 1.36 -0.03
CA ALA B 350 9.49 0.62 1.00
C ALA B 350 8.53 0.18 2.08
N LEU B 351 8.60 -1.09 2.45
CA LEU B 351 7.73 -1.61 3.48
C LEU B 351 8.49 -2.57 4.39
N THR B 352 7.99 -2.77 5.60
CA THR B 352 8.60 -3.67 6.59
C THR B 352 7.67 -4.85 6.76
N LEU B 353 8.24 -6.01 7.06
CA LEU B 353 7.42 -7.20 7.23
C LEU B 353 6.86 -7.29 8.64
N ASP B 354 5.58 -7.63 8.74
CA ASP B 354 4.88 -7.79 10.00
C ASP B 354 5.24 -9.19 10.48
N THR B 355 6.22 -9.27 11.37
CA THR B 355 6.69 -10.56 11.89
C THR B 355 5.61 -11.36 12.63
N THR B 356 4.75 -10.65 13.36
CA THR B 356 3.69 -11.27 14.13
C THR B 356 2.60 -11.91 13.26
N GLY B 357 2.15 -11.22 12.23
CA GLY B 357 1.11 -11.78 11.40
C GLY B 357 1.52 -12.55 10.15
N SER B 358 2.79 -12.93 10.06
CA SER B 358 3.27 -13.67 8.89
C SER B 358 3.49 -15.16 9.15
N THR B 359 4.78 -15.52 9.31
CA THR B 359 5.20 -16.91 9.56
C THR B 359 4.53 -17.95 8.66
N ASP B 363 11.99 -20.68 8.05
CA ASP B 363 13.32 -20.24 8.47
C ASP B 363 13.54 -18.75 8.17
N THR B 364 13.07 -18.31 7.01
CA THR B 364 13.18 -16.91 6.60
C THR B 364 11.90 -16.48 5.89
N LEU B 365 11.47 -15.26 6.17
CA LEU B 365 10.23 -14.75 5.58
C LEU B 365 10.41 -14.48 4.08
N LEU B 366 11.54 -13.91 3.72
CA LEU B 366 11.82 -13.61 2.32
C LEU B 366 12.48 -14.78 1.61
N THR B 367 11.67 -15.56 0.92
CA THR B 367 12.15 -16.72 0.20
C THR B 367 12.57 -16.31 -1.21
N GLN B 368 13.53 -17.01 -1.78
CA GLN B 368 13.98 -16.71 -3.12
C GLN B 368 12.79 -16.82 -4.07
N SER B 369 11.81 -17.61 -3.66
CA SER B 369 10.61 -17.78 -4.45
C SER B 369 9.85 -16.46 -4.58
N LEU B 370 9.59 -15.81 -3.44
CA LEU B 370 8.88 -14.52 -3.47
C LEU B 370 9.70 -13.45 -4.18
N LEU B 371 10.98 -13.35 -3.86
CA LEU B 371 11.85 -12.36 -4.50
C LEU B 371 11.83 -12.54 -6.01
N MET B 372 11.69 -13.78 -6.45
CA MET B 372 11.64 -14.05 -7.88
C MET B 372 10.39 -13.40 -8.46
N GLU B 373 9.24 -13.71 -7.84
CA GLU B 373 7.98 -13.17 -8.30
C GLU B 373 7.96 -11.66 -8.23
N LEU B 374 8.62 -11.09 -7.23
CA LEU B 374 8.65 -9.64 -7.11
C LEU B 374 9.64 -8.99 -8.06
N SER B 375 10.86 -9.51 -8.13
CA SER B 375 11.88 -8.95 -9.02
C SER B 375 11.28 -8.82 -10.41
N ALA B 376 10.30 -9.68 -10.69
CA ALA B 376 9.59 -9.71 -11.96
C ALA B 376 9.01 -8.38 -12.36
N LEU B 377 8.88 -7.47 -11.41
CA LEU B 377 8.34 -6.17 -11.76
C LEU B 377 8.89 -5.02 -10.95
N CYS B 378 10.11 -5.18 -10.47
CA CYS B 378 10.78 -4.12 -9.72
C CYS B 378 12.07 -4.58 -9.05
N ARG B 379 12.97 -3.63 -8.88
CA ARG B 379 14.28 -3.85 -8.28
C ARG B 379 14.12 -4.04 -6.76
N VAL B 380 14.28 -5.26 -6.28
CA VAL B 380 14.13 -5.48 -4.86
C VAL B 380 15.45 -5.34 -4.09
N GLU B 381 15.40 -4.52 -3.04
CA GLU B 381 16.54 -4.26 -2.16
C GLU B 381 16.10 -4.64 -0.75
N VAL B 382 16.96 -5.32 0.01
CA VAL B 382 16.58 -5.72 1.35
C VAL B 382 17.52 -5.21 2.43
N GLU B 383 16.94 -4.86 3.57
CA GLU B 383 17.69 -4.37 4.72
C GLU B 383 17.11 -4.98 5.98
N GLU B 384 17.94 -5.65 6.78
CA GLU B 384 17.47 -6.27 8.01
C GLU B 384 18.26 -5.72 9.19
N GLY B 385 17.73 -5.88 10.40
CA GLY B 385 18.42 -5.37 11.56
C GLY B 385 18.01 -3.96 11.90
N LEU B 386 16.96 -3.49 11.25
CA LEU B 386 16.45 -2.14 11.51
C LEU B 386 15.57 -2.26 12.74
N ALA B 387 15.42 -1.18 13.50
CA ALA B 387 14.57 -1.25 14.68
C ALA B 387 13.46 -0.23 14.55
N LEU B 388 12.24 -0.68 14.83
CA LEU B 388 11.09 0.19 14.75
C LEU B 388 10.92 0.90 16.09
N VAL B 389 10.80 2.21 16.05
CA VAL B 389 10.62 2.97 17.27
C VAL B 389 9.35 3.75 17.05
N ALA B 390 8.42 3.65 17.98
CA ALA B 390 7.15 4.35 17.80
C ALA B 390 6.70 5.14 19.01
N LEU B 391 6.19 6.33 18.75
CA LEU B 391 5.70 7.19 19.81
C LEU B 391 4.18 7.14 19.81
N ILE B 392 3.62 6.67 20.92
CA ILE B 392 2.19 6.55 21.08
C ILE B 392 1.70 7.75 21.87
N GLY B 393 0.65 8.40 21.40
CA GLY B 393 0.14 9.55 22.12
C GLY B 393 -1.17 10.11 21.64
N ASN B 394 -1.31 11.43 21.74
CA ASN B 394 -2.53 12.08 21.36
C ASN B 394 -2.30 13.43 20.66
N ASP B 395 -3.18 13.76 19.72
CA ASP B 395 -3.08 15.01 18.99
C ASP B 395 -1.81 15.14 18.17
N LEU B 396 -1.17 14.01 17.88
CA LEU B 396 0.07 14.00 17.12
C LEU B 396 -0.15 14.34 15.65
N SER B 397 -1.41 14.54 15.25
CA SER B 397 -1.73 14.88 13.87
C SER B 397 -3.06 15.63 13.79
N LYS B 398 -3.14 16.62 12.90
CA LYS B 398 -4.35 17.41 12.73
C LYS B 398 -4.50 17.85 11.27
N ALA B 399 -5.73 18.15 10.87
CA ALA B 399 -6.02 18.57 9.49
C ALA B 399 -5.17 19.74 9.04
N CYS B 400 -4.74 20.55 9.99
CA CYS B 400 -3.92 21.71 9.71
C CYS B 400 -2.45 21.39 9.93
N GLY B 401 -2.16 20.11 10.17
CA GLY B 401 -0.78 19.72 10.39
C GLY B 401 -0.31 19.99 11.81
N VAL B 402 0.88 19.51 12.14
CA VAL B 402 1.45 19.69 13.46
C VAL B 402 2.85 20.30 13.32
N GLY B 403 3.18 21.23 14.20
CA GLY B 403 4.47 21.88 14.15
C GLY B 403 5.62 21.04 14.68
N LYS B 404 6.66 21.72 15.15
CA LYS B 404 7.85 21.07 15.67
C LYS B 404 7.62 20.50 17.08
N GLU B 405 6.48 20.86 17.68
CA GLU B 405 6.16 20.38 19.03
C GLU B 405 6.25 18.86 19.01
N VAL B 406 5.78 18.28 17.92
CA VAL B 406 5.77 16.83 17.75
C VAL B 406 7.00 16.32 16.98
N PHE B 407 7.59 17.16 16.13
CA PHE B 407 8.75 16.74 15.33
C PHE B 407 10.09 16.89 16.03
N GLY B 408 10.34 18.06 16.63
CA GLY B 408 11.59 18.29 17.31
C GLY B 408 12.05 17.11 18.14
N VAL B 409 11.06 16.32 18.55
CA VAL B 409 11.27 15.13 19.37
C VAL B 409 12.33 14.20 18.80
N LEU B 410 12.34 14.02 17.49
CA LEU B 410 13.32 13.12 16.90
C LEU B 410 14.43 13.79 16.11
N GLU B 411 14.78 15.01 16.52
CA GLU B 411 15.84 15.74 15.84
C GLU B 411 17.21 15.10 16.04
N PRO B 412 17.60 14.86 17.30
CA PRO B 412 18.89 14.26 17.65
C PRO B 412 19.29 12.90 17.07
N PHE B 413 18.40 12.25 16.33
CA PHE B 413 18.75 10.92 15.80
C PHE B 413 18.84 10.79 14.29
N ASN B 414 19.54 9.75 13.86
CA ASN B 414 19.71 9.45 12.45
C ASN B 414 18.58 8.51 12.11
N ILE B 415 17.58 9.03 11.42
CA ILE B 415 16.42 8.26 11.06
C ILE B 415 16.50 7.71 9.64
N ARG B 416 16.08 6.45 9.46
CA ARG B 416 16.12 5.82 8.14
C ARG B 416 14.76 5.72 7.47
N MET B 417 13.69 5.97 8.21
CA MET B 417 12.35 5.91 7.62
C MET B 417 11.36 6.51 8.61
N ILE B 418 10.40 7.26 8.08
CA ILE B 418 9.40 7.88 8.93
C ILE B 418 8.02 7.66 8.38
N CYS B 419 7.09 7.32 9.27
CA CYS B 419 5.71 7.13 8.90
C CYS B 419 4.91 8.03 9.81
N TYR B 420 4.23 8.99 9.21
CA TYR B 420 3.46 9.94 9.98
C TYR B 420 2.28 10.51 9.19
N GLY B 421 1.15 10.67 9.85
CA GLY B 421 -0.03 11.22 9.18
C GLY B 421 -1.22 10.27 9.18
N ALA B 422 -0.94 8.98 9.21
CA ALA B 422 -2.02 8.01 9.21
C ALA B 422 -2.83 8.13 10.50
N SER B 423 -2.13 8.26 11.63
CA SER B 423 -2.80 8.35 12.93
C SER B 423 -2.38 9.52 13.80
N SER B 424 -3.34 10.04 14.56
CA SER B 424 -3.12 11.15 15.47
C SER B 424 -2.58 10.60 16.80
N HIS B 425 -2.52 9.27 16.90
CA HIS B 425 -2.05 8.61 18.11
C HIS B 425 -0.71 7.94 17.94
N ASN B 426 -0.21 7.89 16.72
CA ASN B 426 1.05 7.23 16.48
C ASN B 426 2.00 7.99 15.58
N LEU B 427 3.29 7.86 15.88
CA LEU B 427 4.35 8.45 15.11
C LEU B 427 5.48 7.45 15.22
N CYS B 428 5.83 6.78 14.12
CA CYS B 428 6.93 5.82 14.20
C CYS B 428 7.93 6.00 13.08
N PHE B 429 9.13 5.51 13.32
CA PHE B 429 10.21 5.61 12.35
C PHE B 429 11.16 4.45 12.56
N LEU B 430 12.13 4.35 11.67
CA LEU B 430 13.11 3.29 11.75
C LEU B 430 14.49 3.88 12.00
N VAL B 431 15.34 3.10 12.65
CA VAL B 431 16.71 3.50 12.93
C VAL B 431 17.48 2.19 12.97
N PRO B 432 18.79 2.22 12.70
CA PRO B 432 19.52 0.95 12.73
C PRO B 432 19.62 0.41 14.16
N GLY B 433 19.58 -0.92 14.29
CA GLY B 433 19.61 -1.57 15.59
C GLY B 433 20.54 -0.99 16.64
N GLU B 434 21.80 -0.84 16.27
CA GLU B 434 22.85 -0.32 17.13
C GLU B 434 22.36 0.91 17.88
N ASP B 435 21.70 1.80 17.15
CA ASP B 435 21.16 3.06 17.67
C ASP B 435 19.91 2.87 18.55
N ALA B 436 19.06 1.92 18.15
CA ALA B 436 17.81 1.61 18.83
C ALA B 436 17.71 1.95 20.31
N GLU B 437 18.61 1.38 21.10
CA GLU B 437 18.64 1.60 22.56
C GLU B 437 18.84 3.06 22.95
N GLN B 438 19.93 3.64 22.46
CA GLN B 438 20.24 5.02 22.78
C GLN B 438 19.04 5.89 22.46
N VAL B 439 18.52 5.69 21.25
CA VAL B 439 17.36 6.44 20.76
C VAL B 439 16.24 6.39 21.78
N VAL B 440 15.85 5.17 22.13
CA VAL B 440 14.79 4.96 23.10
C VAL B 440 15.10 5.61 24.43
N GLN B 441 16.29 5.32 24.96
CA GLN B 441 16.70 5.87 26.24
C GLN B 441 16.69 7.40 26.27
N LYS B 442 17.17 8.03 25.21
CA LYS B 442 17.20 9.48 25.16
C LYS B 442 15.80 10.04 24.98
N LEU B 443 15.04 9.47 24.03
CA LEU B 443 13.67 9.88 23.76
C LEU B 443 12.84 9.80 25.01
N HIS B 444 13.08 8.74 25.78
CA HIS B 444 12.36 8.48 27.01
C HIS B 444 12.66 9.57 28.04
N SER B 445 13.95 9.81 28.23
CA SER B 445 14.43 10.79 29.19
C SER B 445 13.73 12.15 29.10
N ASN B 446 13.68 12.73 27.91
CA ASN B 446 13.07 14.04 27.76
C ASN B 446 11.55 14.06 27.61
N LEU B 447 10.93 12.92 27.38
CA LEU B 447 9.50 12.87 27.23
C LEU B 447 8.78 12.36 28.47
N PHE B 448 9.44 11.48 29.22
CA PHE B 448 8.82 10.87 30.40
C PHE B 448 9.59 11.07 31.71
N GLU B 449 10.87 10.73 31.72
CA GLU B 449 11.66 10.88 32.93
C GLU B 449 11.78 12.35 33.32
#